data_8FMT
#
_entry.id   8FMT
#
_cell.length_a   42.682
_cell.length_b   169.904
_cell.length_c   69.795
_cell.angle_alpha   90.000
_cell.angle_beta   101.380
_cell.angle_gamma   90.000
#
_symmetry.space_group_name_H-M   'P 1 21 1'
#
loop_
_entity.id
_entity.type
_entity.pdbx_description
1 polymer 'Troponin C, slow skeletal and cardiac muscles'
2 polymer 'Troponin T, cardiac muscle'
3 polymer 'Troponin I, cardiac muscle'
4 non-polymer 'CALCIUM ION'
#
loop_
_entity_poly.entity_id
_entity_poly.type
_entity_poly.pdbx_seq_one_letter_code
_entity_poly.pdbx_strand_id
1 'polypeptide(L)'
;QGSMDDIYKAAVEQLTEEQKNEFKAAFDIFVLGAEDGSISTKELGKVMRMLGQNPTPEELQEMIDEVDEDGSGTVDFDEF
LVMMVRSMKDDSKGKSEEELSDLFRMFDKNADGYIDLEELKIMLQATGETITEDDIEELMKDGDKNNDGRIDYDEFLEFM
KGVE
;
A,D
2 'polypeptide(L)'
;QGSHFGGYIQKQAQTERKSGKRQTELEKKKKILAERRKVLAIDHLNEDQLREKAKELWQSIYNLEAEKFDLQEKFKQQKY
EINVLRNRINDNQKVSKTRGKAKVTGRWK
;
B,E
3 'polypeptide(L)'
;EPHAKKKSKISASRKLQLKTLLLQIAKQELEREAEERRGEKGRALSTRAQPLELAGLGFAELQDLARQLHARVDKVDEER
YDIEAKVTKNITEIADLTQKIFDLRGKFKRPTLRRVRISADAMMQALLGARAKES
;
C,F
#
loop_
_chem_comp.id
_chem_comp.type
_chem_comp.name
_chem_comp.formula
CA non-polymer 'CALCIUM ION' 'Ca 2'
#
# COMPACT_ATOMS: atom_id res chain seq x y z
N MET A 4 -24.98 -21.28 23.56
CA MET A 4 -26.35 -21.37 23.08
C MET A 4 -26.85 -22.81 23.18
N ASP A 5 -27.67 -23.25 22.22
CA ASP A 5 -28.35 -24.54 22.33
C ASP A 5 -27.50 -25.68 21.76
N ASP A 6 -27.45 -25.79 20.44
CA ASP A 6 -26.83 -26.93 19.77
C ASP A 6 -25.37 -27.14 20.17
N ILE A 7 -24.77 -26.21 20.91
CA ILE A 7 -23.44 -26.43 21.46
C ILE A 7 -23.51 -27.47 22.57
N TYR A 8 -24.58 -27.47 23.36
CA TYR A 8 -24.78 -28.53 24.35
C TYR A 8 -24.98 -29.88 23.67
N LYS A 9 -25.90 -29.94 22.71
CA LYS A 9 -26.17 -31.18 21.98
C LYS A 9 -24.90 -31.72 21.32
N ALA A 10 -23.97 -30.84 20.98
CA ALA A 10 -22.69 -31.29 20.46
C ALA A 10 -21.78 -31.83 21.57
N ALA A 11 -21.88 -31.26 22.78
CA ALA A 11 -21.02 -31.69 23.88
C ALA A 11 -21.34 -33.11 24.31
N VAL A 12 -22.61 -33.54 24.17
CA VAL A 12 -22.97 -34.89 24.55
C VAL A 12 -22.36 -35.90 23.59
N GLU A 13 -22.40 -35.60 22.29
CA GLU A 13 -21.83 -36.49 21.29
C GLU A 13 -20.32 -36.64 21.42
N GLN A 14 -19.67 -35.78 22.21
CA GLN A 14 -18.23 -35.83 22.41
C GLN A 14 -17.84 -36.45 23.74
N LEU A 15 -18.80 -36.95 24.51
CA LEU A 15 -18.51 -37.59 25.79
C LEU A 15 -17.92 -38.97 25.54
N THR A 16 -16.73 -39.22 26.06
CA THR A 16 -16.17 -40.56 25.97
C THR A 16 -16.95 -41.51 26.88
N GLU A 17 -16.84 -42.81 26.60
CA GLU A 17 -17.54 -43.80 27.41
C GLU A 17 -17.02 -43.85 28.84
N GLU A 18 -16.03 -43.02 29.15
CA GLU A 18 -15.50 -42.93 30.50
C GLU A 18 -16.41 -42.01 31.32
N GLN A 19 -17.04 -41.04 30.66
CA GLN A 19 -17.95 -40.12 31.33
C GLN A 19 -19.39 -40.63 31.33
N LYS A 20 -19.81 -41.30 30.24
CA LYS A 20 -21.15 -41.86 30.20
C LYS A 20 -21.32 -43.01 31.19
N ASN A 21 -20.23 -43.64 31.63
CA ASN A 21 -20.34 -44.59 32.73
C ASN A 21 -20.35 -43.87 34.07
N GLU A 22 -19.62 -42.75 34.18
CA GLU A 22 -19.71 -41.90 35.34
C GLU A 22 -21.13 -41.39 35.56
N PHE A 23 -21.76 -40.89 34.50
CA PHE A 23 -23.04 -40.23 34.65
C PHE A 23 -24.17 -41.23 34.87
N LYS A 24 -24.13 -42.37 34.20
CA LYS A 24 -25.15 -43.40 34.39
C LYS A 24 -25.16 -43.88 35.83
N ALA A 25 -23.98 -44.09 36.42
CA ALA A 25 -23.90 -44.52 37.81
C ALA A 25 -24.48 -43.47 38.74
N ALA A 26 -24.23 -42.19 38.45
CA ALA A 26 -24.82 -41.13 39.27
C ALA A 26 -26.31 -40.99 39.01
N PHE A 27 -26.74 -41.16 37.76
CA PHE A 27 -28.15 -41.04 37.44
C PHE A 27 -28.96 -42.16 38.09
N ASP A 28 -28.39 -43.36 38.18
CA ASP A 28 -29.10 -44.47 38.80
C ASP A 28 -29.22 -44.33 40.30
N ILE A 29 -28.33 -43.54 40.92
CA ILE A 29 -28.51 -43.22 42.33
C ILE A 29 -29.55 -42.10 42.49
N PHE A 30 -29.65 -41.21 41.51
CA PHE A 30 -30.69 -40.18 41.50
C PHE A 30 -32.07 -40.80 41.61
N VAL A 31 -32.34 -41.83 40.81
CA VAL A 31 -33.71 -42.32 40.58
C VAL A 31 -34.06 -43.45 41.53
N LEU A 32 -33.23 -43.67 42.56
CA LEU A 32 -33.59 -44.64 43.58
C LEU A 32 -34.80 -44.12 44.37
N GLY A 33 -35.83 -44.95 44.49
CA GLY A 33 -37.06 -44.56 45.12
C GLY A 33 -38.12 -44.03 44.17
N ALA A 34 -37.73 -43.63 42.97
CA ALA A 34 -38.70 -43.21 41.96
C ALA A 34 -39.34 -44.44 41.32
N GLU A 35 -40.63 -44.33 41.04
CA GLU A 35 -41.37 -45.49 40.54
C GLU A 35 -41.22 -45.68 39.04
N ASP A 36 -41.16 -44.59 38.27
CA ASP A 36 -40.99 -44.66 36.82
C ASP A 36 -39.54 -44.51 36.39
N GLY A 37 -38.60 -44.54 37.32
CA GLY A 37 -37.18 -44.54 36.98
C GLY A 37 -36.63 -43.24 36.47
N SER A 38 -37.30 -42.12 36.74
CA SER A 38 -36.87 -40.80 36.28
C SER A 38 -36.90 -39.83 37.44
N ILE A 39 -36.46 -38.60 37.16
CA ILE A 39 -36.25 -37.58 38.18
C ILE A 39 -37.46 -36.66 38.19
N SER A 40 -38.26 -36.73 39.26
CA SER A 40 -39.32 -35.75 39.48
C SER A 40 -38.75 -34.63 40.33
N THR A 41 -39.62 -33.79 40.91
CA THR A 41 -39.16 -32.79 41.85
C THR A 41 -38.74 -33.43 43.17
N LYS A 42 -39.38 -34.56 43.52
CA LYS A 42 -39.01 -35.29 44.73
C LYS A 42 -37.57 -35.76 44.69
N GLU A 43 -37.15 -36.37 43.58
CA GLU A 43 -35.78 -36.83 43.46
C GLU A 43 -34.82 -35.65 43.31
N LEU A 44 -35.23 -34.62 42.59
CA LEU A 44 -34.35 -33.48 42.36
C LEU A 44 -34.20 -32.62 43.62
N GLY A 45 -35.27 -32.47 44.40
CA GLY A 45 -35.18 -31.71 45.63
C GLY A 45 -34.31 -32.37 46.68
N LYS A 46 -34.30 -33.70 46.72
CA LYS A 46 -33.42 -34.42 47.63
C LYS A 46 -31.96 -34.08 47.38
N VAL A 47 -31.56 -34.05 46.10
CA VAL A 47 -30.16 -33.80 45.76
C VAL A 47 -29.82 -32.33 45.98
N MET A 48 -30.79 -31.43 45.82
CA MET A 48 -30.52 -30.01 46.07
C MET A 48 -30.28 -29.74 47.55
N ARG A 49 -31.13 -30.31 48.41
CA ARG A 49 -30.86 -30.24 49.85
C ARG A 49 -29.52 -30.88 50.19
N MET A 50 -29.13 -31.91 49.44
CA MET A 50 -27.89 -32.62 49.71
C MET A 50 -26.67 -31.74 49.46
N LEU A 51 -26.81 -30.64 48.73
CA LEU A 51 -25.71 -29.75 48.41
C LEU A 51 -26.08 -28.29 48.65
N GLY A 52 -26.94 -28.02 49.64
CA GLY A 52 -27.11 -26.67 50.12
C GLY A 52 -28.51 -26.08 50.14
N GLN A 53 -29.14 -25.94 48.98
CA GLN A 53 -30.33 -25.11 48.85
C GLN A 53 -31.60 -25.94 48.99
N ASN A 54 -32.74 -25.24 48.96
CA ASN A 54 -34.06 -25.86 49.08
C ASN A 54 -35.03 -25.07 48.22
N PRO A 55 -35.08 -25.35 46.92
CA PRO A 55 -35.99 -24.62 46.03
C PRO A 55 -37.43 -25.09 46.19
N THR A 56 -38.36 -24.25 45.72
CA THR A 56 -39.77 -24.56 45.81
C THR A 56 -40.16 -25.64 44.81
N PRO A 57 -41.31 -26.31 45.02
CA PRO A 57 -41.75 -27.34 44.06
C PRO A 57 -42.07 -26.80 42.67
N GLU A 58 -41.98 -25.48 42.47
CA GLU A 58 -42.06 -24.89 41.13
C GLU A 58 -40.72 -24.42 40.60
N GLU A 59 -39.84 -23.91 41.47
CA GLU A 59 -38.45 -23.70 41.06
C GLU A 59 -37.81 -25.01 40.62
N LEU A 60 -38.20 -26.12 41.24
CA LEU A 60 -37.69 -27.43 40.85
C LEU A 60 -38.31 -27.93 39.56
N GLN A 61 -39.59 -27.60 39.30
CA GLN A 61 -40.21 -27.95 38.04
C GLN A 61 -39.73 -27.08 36.89
N GLU A 62 -39.20 -25.88 37.20
CA GLU A 62 -38.60 -25.06 36.15
C GLU A 62 -37.30 -25.66 35.64
N MET A 63 -36.48 -26.19 36.55
CA MET A 63 -35.25 -26.85 36.14
C MET A 63 -35.52 -28.03 35.23
N ILE A 64 -36.58 -28.79 35.52
CA ILE A 64 -36.91 -29.97 34.71
C ILE A 64 -37.42 -29.54 33.34
N ASP A 65 -38.32 -28.56 33.29
CA ASP A 65 -38.90 -28.14 32.03
C ASP A 65 -37.88 -27.47 31.11
N GLU A 66 -36.73 -27.04 31.65
CA GLU A 66 -35.68 -26.49 30.80
C GLU A 66 -35.00 -27.55 29.94
N VAL A 67 -35.27 -28.83 30.18
CA VAL A 67 -34.57 -29.90 29.48
C VAL A 67 -35.52 -31.07 29.20
N ASP A 68 -36.81 -30.85 29.44
CA ASP A 68 -37.81 -31.91 29.25
C ASP A 68 -38.39 -31.77 27.85
N GLU A 69 -37.80 -32.49 26.89
CA GLU A 69 -38.20 -32.41 25.49
C GLU A 69 -39.25 -33.42 25.10
N ASP A 70 -39.66 -34.32 25.99
CA ASP A 70 -40.68 -35.31 25.68
C ASP A 70 -41.98 -35.08 26.45
N GLY A 71 -42.06 -34.02 27.26
CA GLY A 71 -43.32 -33.66 27.91
C GLY A 71 -43.77 -34.65 28.95
N SER A 72 -42.85 -35.19 29.75
CA SER A 72 -43.19 -36.10 30.82
C SER A 72 -43.13 -35.46 32.20
N GLY A 73 -42.64 -34.23 32.29
CA GLY A 73 -42.41 -33.60 33.58
C GLY A 73 -41.26 -34.18 34.37
N THR A 74 -40.57 -35.19 33.84
CA THR A 74 -39.46 -35.85 34.50
C THR A 74 -38.23 -35.78 33.61
N VAL A 75 -37.11 -36.28 34.13
CA VAL A 75 -35.84 -36.29 33.43
C VAL A 75 -35.36 -37.74 33.33
N ASP A 76 -35.19 -38.23 32.10
CA ASP A 76 -34.57 -39.52 31.87
C ASP A 76 -33.07 -39.34 31.66
N PHE A 77 -32.38 -40.44 31.34
CA PHE A 77 -30.93 -40.39 31.27
C PHE A 77 -30.44 -39.53 30.10
N ASP A 78 -31.14 -39.59 28.96
CA ASP A 78 -30.73 -38.78 27.82
C ASP A 78 -30.87 -37.29 28.12
N GLU A 79 -31.99 -36.90 28.73
CA GLU A 79 -32.16 -35.51 29.14
C GLU A 79 -31.23 -35.14 30.29
N PHE A 80 -30.82 -36.13 31.09
CA PHE A 80 -29.90 -35.87 32.19
C PHE A 80 -28.53 -35.45 31.69
N LEU A 81 -28.07 -36.03 30.58
CA LEU A 81 -26.77 -35.68 30.03
C LEU A 81 -26.74 -34.24 29.52
N VAL A 82 -27.87 -33.74 29.01
CA VAL A 82 -27.96 -32.34 28.62
C VAL A 82 -27.84 -31.44 29.85
N MET A 83 -28.53 -31.83 30.93
CA MET A 83 -28.40 -31.10 32.20
C MET A 83 -26.95 -31.01 32.63
N MET A 84 -26.19 -32.10 32.46
CA MET A 84 -24.85 -32.17 33.02
C MET A 84 -23.86 -31.32 32.23
N VAL A 85 -24.07 -31.14 30.93
CA VAL A 85 -23.13 -30.38 30.13
C VAL A 85 -23.41 -28.88 30.16
N ARG A 86 -24.67 -28.48 30.36
CA ARG A 86 -24.97 -27.07 30.58
C ARG A 86 -24.29 -26.55 31.83
N SER A 87 -24.16 -27.40 32.85
CA SER A 87 -23.56 -27.01 34.12
C SER A 87 -22.04 -27.00 34.10
N MET A 88 -21.42 -27.37 32.98
CA MET A 88 -19.97 -27.32 32.88
C MET A 88 -19.53 -26.75 31.53
N LYS A 95 -16.09 -16.66 24.10
CA LYS A 95 -15.45 -15.41 23.73
C LYS A 95 -16.39 -14.22 23.91
N SER A 96 -15.81 -13.03 23.99
CA SER A 96 -16.55 -11.81 24.27
C SER A 96 -16.84 -11.05 22.98
N GLU A 97 -17.75 -10.08 23.09
CA GLU A 97 -18.16 -9.29 21.93
C GLU A 97 -16.99 -8.54 21.31
N GLU A 98 -16.03 -8.10 22.13
CA GLU A 98 -14.88 -7.39 21.59
C GLU A 98 -13.99 -8.32 20.78
N GLU A 99 -13.74 -9.53 21.27
CA GLU A 99 -12.97 -10.51 20.49
C GLU A 99 -13.68 -10.88 19.20
N LEU A 100 -15.00 -11.08 19.27
CA LEU A 100 -15.74 -11.55 18.10
C LEU A 100 -15.85 -10.47 17.04
N SER A 101 -15.88 -9.20 17.43
CA SER A 101 -15.99 -8.13 16.45
C SER A 101 -14.71 -8.00 15.63
N ASP A 102 -13.55 -8.18 16.27
CA ASP A 102 -12.30 -8.12 15.53
C ASP A 102 -12.17 -9.30 14.56
N LEU A 103 -12.60 -10.49 14.98
CA LEU A 103 -12.57 -11.64 14.08
C LEU A 103 -13.60 -11.50 12.97
N PHE A 104 -14.72 -10.84 13.24
CA PHE A 104 -15.73 -10.58 12.21
C PHE A 104 -15.12 -9.85 11.02
N ARG A 105 -14.23 -8.89 11.28
CA ARG A 105 -13.61 -8.13 10.20
C ARG A 105 -12.73 -9.00 9.32
N MET A 106 -12.22 -10.12 9.86
CA MET A 106 -11.36 -10.98 9.06
C MET A 106 -12.18 -11.78 8.05
N PHE A 107 -13.40 -12.17 8.41
CA PHE A 107 -14.28 -12.84 7.46
C PHE A 107 -14.66 -11.90 6.31
N ASP A 108 -15.05 -10.68 6.64
CA ASP A 108 -15.54 -9.69 5.67
C ASP A 108 -14.35 -9.14 4.90
N LYS A 109 -14.00 -9.83 3.81
CA LYS A 109 -12.81 -9.45 3.06
C LYS A 109 -13.07 -8.26 2.14
N ASN A 110 -14.28 -8.18 1.57
CA ASN A 110 -14.64 -7.02 0.76
C ASN A 110 -15.04 -5.82 1.60
N ALA A 111 -15.09 -5.97 2.93
CA ALA A 111 -15.20 -4.86 3.87
C ALA A 111 -16.51 -4.09 3.71
N ASP A 112 -17.57 -4.75 3.27
CA ASP A 112 -18.86 -4.10 3.09
C ASP A 112 -19.73 -4.16 4.34
N GLY A 113 -19.29 -4.84 5.40
CA GLY A 113 -20.05 -4.94 6.63
C GLY A 113 -20.88 -6.20 6.77
N TYR A 114 -20.80 -7.12 5.83
CA TYR A 114 -21.53 -8.37 5.89
C TYR A 114 -20.62 -9.54 5.54
N ILE A 115 -21.04 -10.73 5.92
CA ILE A 115 -20.37 -11.97 5.53
C ILE A 115 -21.32 -12.68 4.59
N ASP A 116 -21.03 -12.61 3.28
CA ASP A 116 -21.86 -13.28 2.30
C ASP A 116 -21.35 -14.71 2.09
N LEU A 117 -21.93 -15.41 1.11
CA LEU A 117 -21.59 -16.82 0.88
C LEU A 117 -20.12 -17.00 0.57
N GLU A 118 -19.65 -16.39 -0.53
CA GLU A 118 -18.30 -16.66 -1.01
C GLU A 118 -17.23 -16.36 0.03
N GLU A 119 -17.39 -15.28 0.80
CA GLU A 119 -16.41 -14.99 1.85
C GLU A 119 -16.36 -16.09 2.90
N LEU A 120 -17.50 -16.72 3.18
CA LEU A 120 -17.51 -17.86 4.09
C LEU A 120 -16.72 -19.02 3.52
N LYS A 121 -16.83 -19.26 2.22
CA LYS A 121 -16.18 -20.43 1.62
C LYS A 121 -14.66 -20.28 1.59
N ILE A 122 -14.16 -19.08 1.30
CA ILE A 122 -12.71 -18.87 1.36
C ILE A 122 -12.19 -19.15 2.76
N MET A 123 -12.86 -18.62 3.77
CA MET A 123 -12.50 -18.92 5.15
C MET A 123 -12.60 -20.42 5.42
N LEU A 124 -13.69 -21.04 4.97
CA LEU A 124 -13.86 -22.48 5.16
C LEU A 124 -12.78 -23.26 4.40
N GLN A 125 -12.48 -22.85 3.16
CA GLN A 125 -11.48 -23.57 2.38
C GLN A 125 -10.07 -23.33 2.88
N ALA A 126 -9.86 -22.30 3.71
CA ALA A 126 -8.55 -22.01 4.28
C ALA A 126 -8.38 -22.56 5.68
N THR A 127 -9.21 -23.54 6.05
CA THR A 127 -9.16 -24.10 7.41
C THR A 127 -8.34 -25.39 7.55
N GLY A 128 -8.01 -26.04 6.44
CA GLY A 128 -7.24 -27.27 6.52
C GLY A 128 -8.09 -28.49 6.25
N GLU A 129 -9.35 -28.44 6.68
CA GLU A 129 -10.29 -29.52 6.42
C GLU A 129 -10.64 -29.57 4.93
N THR A 130 -11.24 -30.69 4.53
CA THR A 130 -11.84 -30.81 3.20
C THR A 130 -13.31 -30.45 3.33
N ILE A 131 -13.71 -29.34 2.70
CA ILE A 131 -15.01 -28.73 2.97
C ILE A 131 -16.05 -29.31 2.02
N THR A 132 -17.14 -29.81 2.59
CA THR A 132 -18.27 -30.34 1.85
C THR A 132 -19.26 -29.22 1.52
N GLU A 133 -19.95 -29.35 0.39
CA GLU A 133 -20.96 -28.37 0.01
C GLU A 133 -22.10 -28.33 1.03
N ASP A 134 -22.41 -29.45 1.67
CA ASP A 134 -23.40 -29.45 2.75
C ASP A 134 -22.91 -28.65 3.95
N ASP A 135 -21.61 -28.76 4.26
CA ASP A 135 -21.03 -27.93 5.30
C ASP A 135 -21.26 -26.45 5.00
N ILE A 136 -20.94 -26.04 3.78
CA ILE A 136 -21.21 -24.67 3.34
C ILE A 136 -22.69 -24.37 3.43
N GLU A 137 -23.52 -25.32 2.97
CA GLU A 137 -24.95 -25.07 2.88
C GLU A 137 -25.56 -24.82 4.25
N GLU A 138 -25.21 -25.64 5.24
CA GLU A 138 -25.89 -25.59 6.53
C GLU A 138 -25.26 -24.60 7.50
N LEU A 139 -23.97 -24.29 7.35
CA LEU A 139 -23.37 -23.24 8.19
C LEU A 139 -24.01 -21.89 7.91
N MET A 140 -24.37 -21.64 6.65
CA MET A 140 -25.06 -20.41 6.31
C MET A 140 -26.53 -20.46 6.72
N LYS A 141 -27.14 -21.64 6.73
CA LYS A 141 -28.51 -21.76 7.22
C LYS A 141 -28.57 -21.50 8.73
N ASP A 142 -27.59 -22.01 9.47
CA ASP A 142 -27.55 -21.76 10.90
C ASP A 142 -27.19 -20.31 11.21
N GLY A 143 -26.31 -19.71 10.39
CA GLY A 143 -25.87 -18.36 10.68
C GLY A 143 -26.88 -17.31 10.25
N ASP A 144 -27.38 -17.42 9.01
CA ASP A 144 -28.25 -16.41 8.43
C ASP A 144 -29.69 -16.71 8.84
N LYS A 145 -30.24 -15.88 9.74
CA LYS A 145 -31.57 -16.12 10.30
C LYS A 145 -32.66 -15.25 9.67
N ASN A 146 -32.31 -14.09 9.11
CA ASN A 146 -33.30 -13.33 8.34
C ASN A 146 -33.47 -13.85 6.92
N ASN A 147 -32.61 -14.78 6.50
CA ASN A 147 -32.54 -15.26 5.13
C ASN A 147 -32.46 -14.11 4.13
N ASP A 148 -31.25 -13.53 3.99
CA ASP A 148 -30.97 -12.57 2.93
C ASP A 148 -29.60 -12.83 2.32
N GLY A 149 -29.11 -14.06 2.44
CA GLY A 149 -27.89 -14.45 1.77
C GLY A 149 -26.61 -13.93 2.37
N ARG A 150 -26.62 -13.58 3.66
CA ARG A 150 -25.43 -13.06 4.30
C ARG A 150 -25.60 -13.09 5.81
N ILE A 151 -24.48 -13.15 6.52
CA ILE A 151 -24.45 -13.06 7.97
C ILE A 151 -24.00 -11.66 8.36
N ASP A 152 -24.84 -10.96 9.10
CA ASP A 152 -24.49 -9.64 9.61
C ASP A 152 -23.92 -9.76 11.02
N TYR A 153 -23.54 -8.61 11.58
CA TYR A 153 -22.86 -8.58 12.88
C TYR A 153 -23.67 -9.28 13.97
N ASP A 154 -24.93 -8.87 14.15
CA ASP A 154 -25.74 -9.45 15.20
C ASP A 154 -25.93 -10.95 15.00
N GLU A 155 -26.17 -11.38 13.75
CA GLU A 155 -26.30 -12.80 13.49
C GLU A 155 -24.99 -13.54 13.72
N PHE A 156 -23.86 -12.87 13.49
CA PHE A 156 -22.56 -13.52 13.68
C PHE A 156 -22.28 -13.77 15.15
N LEU A 157 -22.70 -12.86 16.03
CA LEU A 157 -22.50 -13.06 17.46
C LEU A 157 -23.27 -14.29 17.95
N GLU A 158 -24.55 -14.38 17.59
CA GLU A 158 -25.36 -15.54 17.96
C GLU A 158 -24.88 -16.81 17.25
N PHE A 159 -24.11 -16.67 16.18
CA PHE A 159 -23.61 -17.80 15.41
C PHE A 159 -22.31 -18.35 15.98
N MET A 160 -21.62 -17.58 16.83
CA MET A 160 -20.42 -18.03 17.52
C MET A 160 -20.61 -18.15 19.03
N LYS A 161 -21.85 -18.11 19.51
CA LYS A 161 -22.11 -18.22 20.93
C LYS A 161 -21.75 -19.60 21.44
N GLY A 162 -20.76 -19.66 22.34
CA GLY A 162 -20.32 -20.91 22.93
C GLY A 162 -19.09 -21.52 22.31
N VAL A 163 -18.50 -20.87 21.31
CA VAL A 163 -17.31 -21.39 20.64
C VAL A 163 -16.07 -20.82 21.31
N GLU A 164 -15.20 -21.69 21.80
CA GLU A 164 -13.91 -21.29 22.36
C GLU A 164 -12.88 -21.12 21.26
N GLN B 23 3.37 41.27 3.69
CA GLN B 23 3.14 41.01 5.12
C GLN B 23 2.74 42.30 5.84
N THR B 24 1.99 42.15 6.92
CA THR B 24 1.62 43.27 7.77
C THR B 24 2.47 43.29 9.03
N GLU B 25 1.85 43.35 10.21
CA GLU B 25 2.59 43.40 11.46
C GLU B 25 2.33 42.21 12.39
N LEU B 26 1.12 41.65 12.40
CA LEU B 26 0.92 40.38 13.08
C LEU B 26 1.65 39.26 12.36
N GLU B 27 1.65 39.31 11.02
CA GLU B 27 2.41 38.35 10.23
C GLU B 27 3.91 38.58 10.37
N LYS B 28 4.32 39.83 10.50
CA LYS B 28 5.72 40.14 10.80
C LYS B 28 6.09 39.63 12.19
N LYS B 29 5.16 39.75 13.15
CA LYS B 29 5.42 39.31 14.51
C LYS B 29 5.62 37.79 14.57
N LYS B 30 4.71 37.04 13.93
CA LYS B 30 4.81 35.58 13.97
C LYS B 30 6.06 35.09 13.25
N LYS B 31 6.45 35.77 12.17
CA LYS B 31 7.65 35.38 11.43
C LYS B 31 8.90 35.59 12.26
N ILE B 32 8.94 36.67 13.04
CA ILE B 32 10.14 36.98 13.82
C ILE B 32 10.22 36.10 15.05
N LEU B 33 9.11 35.89 15.76
CA LEU B 33 9.13 35.07 16.97
C LEU B 33 9.44 33.61 16.67
N ALA B 34 9.26 33.16 15.42
CA ALA B 34 9.64 31.81 15.07
C ALA B 34 11.14 31.72 14.77
N GLU B 35 11.70 32.73 14.09
CA GLU B 35 13.14 32.78 13.89
C GLU B 35 13.87 32.96 15.21
N ARG B 36 13.29 33.70 16.15
CA ARG B 36 13.88 33.85 17.47
C ARG B 36 13.91 32.54 18.23
N ARG B 37 12.93 31.66 17.99
CA ARG B 37 12.92 30.35 18.62
C ARG B 37 14.11 29.51 18.18
N LYS B 38 14.65 29.77 16.99
CA LYS B 38 15.78 28.99 16.50
C LYS B 38 17.11 29.54 17.01
N VAL B 39 17.26 30.87 17.07
CA VAL B 39 18.51 31.45 17.55
C VAL B 39 18.70 31.17 19.04
N LEU B 40 17.61 30.93 19.77
CA LEU B 40 17.72 30.64 21.19
C LEU B 40 18.16 29.19 21.43
N ALA B 41 17.74 28.27 20.57
CA ALA B 41 18.01 26.87 20.77
C ALA B 41 19.25 26.37 20.04
N ILE B 42 19.79 27.14 19.10
CA ILE B 42 20.78 26.62 18.16
C ILE B 42 22.02 27.50 18.08
N ASP B 43 21.83 28.82 18.13
CA ASP B 43 22.86 29.74 17.69
C ASP B 43 24.07 29.82 18.61
N HIS B 44 24.02 29.25 19.81
CA HIS B 44 25.14 29.33 20.75
C HIS B 44 25.95 28.05 20.83
N LEU B 45 25.83 27.17 19.84
CA LEU B 45 26.42 25.84 19.89
C LEU B 45 27.57 25.72 18.89
N ASN B 46 28.52 24.85 19.21
CA ASN B 46 29.62 24.53 18.30
C ASN B 46 29.28 23.26 17.52
N GLU B 47 30.16 22.94 16.56
CA GLU B 47 29.90 21.83 15.64
C GLU B 47 29.56 20.55 16.39
N ASP B 48 30.32 20.24 17.44
CA ASP B 48 30.05 19.03 18.22
C ASP B 48 28.76 19.17 19.02
N GLN B 49 28.55 20.33 19.63
CA GLN B 49 27.32 20.59 20.38
C GLN B 49 26.10 20.67 19.46
N LEU B 50 26.32 20.97 18.17
CA LEU B 50 25.24 21.13 17.21
C LEU B 50 24.93 19.85 16.45
N ARG B 51 25.91 18.94 16.32
CA ARG B 51 25.62 17.60 15.83
C ARG B 51 24.70 16.85 16.78
N GLU B 52 24.99 16.92 18.08
CA GLU B 52 24.14 16.26 19.07
C GLU B 52 22.74 16.85 19.10
N LYS B 53 22.60 18.11 18.70
CA LYS B 53 21.29 18.74 18.67
C LYS B 53 20.44 18.23 17.50
N ALA B 54 21.05 18.10 16.32
CA ALA B 54 20.32 17.59 15.16
C ALA B 54 19.87 16.15 15.38
N LYS B 55 20.76 15.31 15.91
CA LYS B 55 20.38 13.96 16.30
C LYS B 55 19.19 13.99 17.25
N GLU B 56 19.28 14.85 18.27
CA GLU B 56 18.21 15.02 19.25
C GLU B 56 16.91 15.45 18.59
N LEU B 57 16.99 16.35 17.61
CA LEU B 57 15.78 16.82 16.94
C LEU B 57 15.21 15.75 16.01
N TRP B 58 16.06 14.91 15.44
CA TRP B 58 15.58 13.88 14.52
C TRP B 58 14.83 12.78 15.27
N GLN B 59 15.28 12.44 16.48
CA GLN B 59 14.59 11.42 17.27
C GLN B 59 13.21 11.90 17.70
N SER B 60 13.03 13.22 17.85
CA SER B 60 11.69 13.74 18.12
C SER B 60 10.79 13.58 16.90
N ILE B 61 11.34 13.81 15.70
CA ILE B 61 10.55 13.66 14.48
C ILE B 61 10.17 12.21 14.26
N TYR B 62 11.11 11.29 14.46
CA TYR B 62 10.81 9.86 14.37
C TYR B 62 9.66 9.48 15.31
N ASN B 63 9.79 9.86 16.58
CA ASN B 63 8.75 9.49 17.55
C ASN B 63 7.41 10.11 17.18
N LEU B 64 7.40 11.34 16.65
CA LEU B 64 6.14 11.97 16.28
C LEU B 64 5.53 11.33 15.03
N GLU B 65 6.37 10.96 14.06
CA GLU B 65 5.86 10.30 12.86
C GLU B 65 5.30 8.92 13.19
N ALA B 66 5.87 8.26 14.19
CA ALA B 66 5.38 6.94 14.59
C ALA B 66 3.99 7.05 15.20
N GLU B 67 3.78 8.04 16.07
CA GLU B 67 2.46 8.24 16.66
C GLU B 67 1.46 8.73 15.61
N LYS B 68 1.93 9.43 14.58
CA LYS B 68 1.04 9.79 13.48
C LYS B 68 0.63 8.56 12.68
N PHE B 69 1.58 7.65 12.45
CA PHE B 69 1.28 6.41 11.75
C PHE B 69 0.26 5.58 12.52
N ASP B 70 0.46 5.43 13.83
CA ASP B 70 -0.47 4.67 14.65
C ASP B 70 -1.87 5.25 14.59
N LEU B 71 -1.97 6.58 14.49
CA LEU B 71 -3.28 7.24 14.46
C LEU B 71 -3.92 7.11 13.08
N GLN B 72 -3.12 7.11 12.01
CA GLN B 72 -3.68 6.93 10.68
C GLN B 72 -4.30 5.55 10.53
N GLU B 73 -3.68 4.53 11.13
CA GLU B 73 -4.22 3.18 11.05
C GLU B 73 -5.51 3.04 11.86
N LYS B 74 -5.52 3.61 13.07
CA LYS B 74 -6.74 3.61 13.88
C LYS B 74 -7.89 4.29 13.15
N PHE B 75 -7.59 5.32 12.36
CA PHE B 75 -8.63 6.03 11.64
C PHE B 75 -9.26 5.15 10.57
N LYS B 76 -8.43 4.44 9.80
CA LYS B 76 -8.95 3.51 8.80
C LYS B 76 -9.85 2.46 9.43
N GLN B 77 -9.57 2.08 10.68
CA GLN B 77 -10.36 1.04 11.34
C GLN B 77 -11.66 1.58 11.90
N GLN B 78 -11.64 2.80 12.46
CA GLN B 78 -12.86 3.40 12.96
C GLN B 78 -13.90 3.54 11.84
N LYS B 79 -13.47 4.01 10.66
CA LYS B 79 -14.37 4.13 9.53
C LYS B 79 -15.08 2.84 9.20
N TYR B 80 -14.41 1.70 9.43
CA TYR B 80 -15.08 0.41 9.21
C TYR B 80 -16.07 0.11 10.33
N GLU B 81 -15.71 0.38 11.58
CA GLU B 81 -16.64 0.19 12.68
C GLU B 81 -17.84 1.11 12.55
N ILE B 82 -17.60 2.37 12.18
CA ILE B 82 -18.70 3.32 11.95
C ILE B 82 -19.63 2.78 10.87
N ASN B 83 -19.06 2.24 9.79
CA ASN B 83 -19.88 1.75 8.68
C ASN B 83 -20.73 0.55 9.11
N VAL B 84 -20.16 -0.36 9.90
CA VAL B 84 -20.91 -1.52 10.35
C VAL B 84 -22.02 -1.10 11.30
N LEU B 85 -21.74 -0.16 12.20
CA LEU B 85 -22.79 0.38 13.06
C LEU B 85 -23.86 1.10 12.23
N ARG B 86 -23.43 1.78 11.16
CA ARG B 86 -24.39 2.41 10.25
C ARG B 86 -25.31 1.38 9.63
N ASN B 87 -24.79 0.19 9.33
CA ASN B 87 -25.61 -0.87 8.77
C ASN B 87 -26.61 -1.40 9.80
N ARG B 88 -26.15 -1.62 11.03
CA ARG B 88 -26.98 -2.28 12.03
C ARG B 88 -28.18 -1.42 12.40
N ILE B 89 -27.97 -0.12 12.59
CA ILE B 89 -29.10 0.79 12.84
C ILE B 89 -30.01 0.84 11.62
N ASN B 90 -29.41 0.79 10.43
CA ASN B 90 -30.19 0.89 9.19
C ASN B 90 -31.14 -0.29 9.02
N ASP B 91 -30.78 -1.46 9.56
CA ASP B 91 -31.56 -2.68 9.32
C ASP B 91 -32.48 -3.05 10.47
N ASN B 92 -32.25 -2.53 11.67
CA ASN B 92 -33.01 -2.97 12.85
C ASN B 92 -34.10 -1.96 13.20
N GLN B 93 -34.98 -1.72 12.24
CA GLN B 93 -36.10 -0.81 12.43
C GLN B 93 -37.16 -0.99 11.35
N LYS C 9 -28.32 -31.69 7.77
CA LYS C 9 -27.58 -32.53 6.84
C LYS C 9 -26.36 -33.14 7.51
N ILE C 10 -25.73 -32.37 8.39
CA ILE C 10 -24.49 -32.79 9.03
C ILE C 10 -24.66 -32.64 10.54
N SER C 11 -23.97 -33.49 11.30
CA SER C 11 -24.16 -33.55 12.74
C SER C 11 -23.84 -32.21 13.40
N ALA C 12 -24.43 -32.01 14.59
CA ALA C 12 -24.17 -30.79 15.35
C ALA C 12 -22.75 -30.75 15.91
N SER C 13 -22.11 -31.90 16.07
CA SER C 13 -20.72 -31.93 16.51
C SER C 13 -19.77 -31.46 15.42
N ARG C 14 -20.17 -31.59 14.15
CA ARG C 14 -19.36 -31.08 13.03
C ARG C 14 -19.43 -29.57 12.94
N LYS C 15 -20.65 -29.01 12.97
CA LYS C 15 -20.82 -27.57 12.80
C LYS C 15 -20.15 -26.78 13.92
N LEU C 16 -19.94 -27.39 15.09
CA LEU C 16 -19.09 -26.77 16.10
C LEU C 16 -17.62 -27.01 15.81
N GLN C 17 -17.28 -28.17 15.23
CA GLN C 17 -15.88 -28.45 14.91
C GLN C 17 -15.38 -27.45 13.86
N LEU C 18 -16.24 -27.08 12.91
CA LEU C 18 -15.85 -26.14 11.88
C LEU C 18 -15.72 -24.72 12.43
N LYS C 19 -16.64 -24.32 13.30
CA LYS C 19 -16.59 -22.96 13.85
C LYS C 19 -15.34 -22.75 14.70
N THR C 20 -14.92 -23.78 15.43
CA THR C 20 -13.71 -23.67 16.23
C THR C 20 -12.48 -23.44 15.35
N LEU C 21 -12.47 -24.07 14.17
CA LEU C 21 -11.36 -23.87 13.24
C LEU C 21 -11.49 -22.52 12.52
N LEU C 22 -12.71 -22.09 12.23
CA LEU C 22 -12.93 -20.79 11.61
C LEU C 22 -12.34 -19.68 12.45
N LEU C 23 -12.60 -19.70 13.76
CA LEU C 23 -12.05 -18.70 14.66
C LEU C 23 -10.55 -18.85 14.86
N GLN C 24 -9.99 -20.01 14.52
CA GLN C 24 -8.56 -20.24 14.71
C GLN C 24 -7.72 -19.61 13.60
N ILE C 25 -8.22 -19.60 12.37
CA ILE C 25 -7.53 -18.92 11.29
C ILE C 25 -7.95 -17.46 11.19
N ALA C 26 -9.16 -17.12 11.62
CA ALA C 26 -9.52 -15.72 11.77
C ALA C 26 -8.68 -15.03 12.84
N LYS C 27 -8.12 -15.81 13.77
CA LYS C 27 -7.16 -15.31 14.74
C LYS C 27 -5.74 -15.31 14.19
N GLN C 28 -5.40 -16.27 13.33
CA GLN C 28 -4.08 -16.29 12.73
C GLN C 28 -3.95 -15.25 11.61
N GLU C 29 -5.05 -14.90 10.95
CA GLU C 29 -5.03 -13.82 10.00
C GLU C 29 -5.18 -12.45 10.66
N LEU C 30 -5.54 -12.42 11.95
CA LEU C 30 -5.55 -11.17 12.70
C LEU C 30 -4.14 -10.75 13.09
N GLU C 31 -3.34 -11.69 13.58
CA GLU C 31 -2.01 -11.35 14.05
C GLU C 31 -0.95 -11.46 12.94
N ARG C 32 -1.27 -12.12 11.83
CA ARG C 32 -0.44 -11.96 10.64
C ARG C 32 -0.58 -10.54 10.09
N GLU C 33 -1.81 -10.01 10.13
CA GLU C 33 -2.05 -8.61 9.78
C GLU C 33 -1.32 -7.67 10.72
N ALA C 34 -1.00 -8.11 11.94
CA ALA C 34 -0.30 -7.26 12.89
C ALA C 34 1.14 -7.00 12.45
N GLU C 35 1.93 -8.07 12.28
CA GLU C 35 3.32 -7.89 11.87
C GLU C 35 3.42 -7.26 10.49
N GLU C 36 2.45 -7.52 9.62
CA GLU C 36 2.43 -6.84 8.33
C GLU C 36 2.27 -5.33 8.49
N ARG C 37 1.70 -4.89 9.61
CA ARG C 37 1.64 -3.47 9.94
C ARG C 37 2.90 -2.97 10.62
N ARG C 38 3.61 -3.86 11.35
CA ARG C 38 4.87 -3.47 11.96
C ARG C 38 5.94 -3.21 10.90
N GLY C 39 6.07 -4.11 9.93
CA GLY C 39 7.00 -3.88 8.84
C GLY C 39 6.59 -2.70 7.98
N GLU C 40 5.28 -2.52 7.80
CA GLU C 40 4.77 -1.35 7.09
C GLU C 40 5.08 -0.06 7.84
N LYS C 41 5.24 -0.13 9.16
CA LYS C 41 5.57 1.05 9.94
C LYS C 41 7.03 1.46 9.73
N GLY C 42 7.95 0.50 9.83
CA GLY C 42 9.36 0.82 9.67
C GLY C 42 9.70 1.31 8.26
N ARG C 43 9.07 0.70 7.25
CA ARG C 43 9.26 1.17 5.89
C ARG C 43 8.77 2.60 5.70
N ALA C 44 7.61 2.92 6.30
CA ALA C 44 7.10 4.28 6.22
C ALA C 44 8.00 5.25 6.98
N LEU C 45 8.46 4.86 8.17
CA LEU C 45 9.31 5.74 8.96
C LEU C 45 10.69 5.94 8.34
N SER C 46 11.15 4.98 7.53
CA SER C 46 12.44 5.16 6.86
C SER C 46 12.36 6.23 5.78
N THR C 47 11.22 6.35 5.11
CA THR C 47 11.05 7.37 4.08
C THR C 47 10.70 8.73 4.67
N ARG C 48 10.00 8.75 5.82
CA ARG C 48 9.61 10.00 6.45
C ARG C 48 10.72 10.54 7.35
N ALA C 49 11.21 9.72 8.27
CA ALA C 49 12.31 10.10 9.15
C ALA C 49 13.60 9.45 8.65
N GLN C 50 14.10 9.99 7.55
CA GLN C 50 15.33 9.50 6.96
C GLN C 50 16.47 9.65 7.93
N PRO C 51 17.32 8.64 8.16
CA PRO C 51 18.46 8.77 9.04
C PRO C 51 19.40 9.88 8.58
N LEU C 52 20.20 10.39 9.51
CA LEU C 52 20.99 11.58 9.28
C LEU C 52 22.36 11.25 8.69
N GLU C 53 22.83 12.13 7.81
CA GLU C 53 24.17 12.06 7.24
C GLU C 53 24.91 13.31 7.72
N LEU C 54 25.60 13.18 8.86
CA LEU C 54 26.24 14.33 9.48
C LEU C 54 27.72 14.46 9.13
N ALA C 55 28.36 13.40 8.66
CA ALA C 55 29.76 13.49 8.29
C ALA C 55 29.92 14.25 6.98
N GLY C 56 30.92 15.13 6.94
CA GLY C 56 31.19 15.95 5.77
C GLY C 56 30.48 17.29 5.78
N LEU C 57 29.44 17.46 6.58
CA LEU C 57 28.72 18.73 6.62
C LEU C 57 29.53 19.78 7.37
N GLY C 58 29.71 20.94 6.74
CA GLY C 58 30.35 22.06 7.40
C GLY C 58 29.45 22.65 8.48
N PHE C 59 30.00 23.65 9.17
CA PHE C 59 29.23 24.32 10.21
C PHE C 59 28.03 25.08 9.63
N ALA C 60 28.20 25.66 8.44
CA ALA C 60 27.09 26.35 7.80
C ALA C 60 25.95 25.39 7.49
N GLU C 61 26.27 24.20 6.99
CA GLU C 61 25.23 23.25 6.60
C GLU C 61 24.73 22.45 7.80
N LEU C 62 25.57 22.24 8.81
CA LEU C 62 25.09 21.70 10.07
C LEU C 62 24.02 22.60 10.68
N GLN C 63 24.30 23.90 10.74
CA GLN C 63 23.36 24.84 11.34
C GLN C 63 22.10 24.96 10.51
N ASP C 64 22.22 24.95 9.18
CA ASP C 64 21.04 25.00 8.32
C ASP C 64 20.16 23.78 8.55
N LEU C 65 20.77 22.59 8.64
CA LEU C 65 20.00 21.38 8.90
C LEU C 65 19.32 21.43 10.26
N ALA C 66 20.03 21.89 11.29
CA ALA C 66 19.44 21.96 12.63
C ALA C 66 18.27 22.91 12.67
N ARG C 67 18.22 23.89 11.76
CA ARG C 67 17.13 24.85 11.77
C ARG C 67 15.90 24.32 11.04
N GLN C 68 16.09 23.64 9.90
CA GLN C 68 14.93 23.06 9.21
C GLN C 68 14.37 21.87 9.97
N LEU C 69 15.22 21.14 10.70
CA LEU C 69 14.71 20.10 11.59
C LEU C 69 13.91 20.71 12.74
N HIS C 70 14.29 21.91 13.18
CA HIS C 70 13.54 22.58 14.24
C HIS C 70 12.15 22.99 13.75
N ALA C 71 12.05 23.46 12.51
CA ALA C 71 10.75 23.82 11.95
C ALA C 71 9.92 22.61 11.58
N ARG C 72 10.54 21.46 11.33
CA ARG C 72 9.78 20.27 10.99
C ARG C 72 9.13 19.63 12.20
N VAL C 73 9.73 19.80 13.38
CA VAL C 73 9.13 19.28 14.61
C VAL C 73 7.77 19.95 14.85
N ASP C 74 7.70 21.27 14.66
CA ASP C 74 6.44 21.97 14.84
C ASP C 74 5.44 21.59 13.76
N LYS C 75 5.92 21.32 12.55
CA LYS C 75 5.00 21.02 11.45
C LYS C 75 4.40 19.63 11.61
N VAL C 76 5.24 18.63 11.90
CA VAL C 76 4.74 17.26 12.02
C VAL C 76 3.84 17.12 13.25
N ASP C 77 4.07 17.94 14.28
CA ASP C 77 3.30 17.80 15.51
C ASP C 77 1.86 18.28 15.32
N GLU C 78 1.63 19.21 14.40
CA GLU C 78 0.27 19.62 14.09
C GLU C 78 -0.34 18.80 12.96
N GLU C 79 0.48 18.24 12.07
CA GLU C 79 0.01 17.21 11.15
C GLU C 79 -0.52 16.01 11.93
N ARG C 80 0.05 15.76 13.12
CA ARG C 80 -0.40 14.67 13.98
C ARG C 80 -1.61 15.08 14.80
N TYR C 81 -1.66 16.34 15.25
CA TYR C 81 -2.81 16.81 16.00
C TYR C 81 -4.08 16.76 15.15
N ASP C 82 -3.95 17.08 13.86
CA ASP C 82 -5.11 17.12 12.99
C ASP C 82 -5.73 15.74 12.81
N ILE C 83 -4.91 14.69 12.76
CA ILE C 83 -5.45 13.33 12.70
C ILE C 83 -5.81 12.81 14.08
N GLU C 84 -5.15 13.30 15.13
CA GLU C 84 -5.55 12.95 16.50
C GLU C 84 -6.96 13.45 16.81
N ALA C 85 -7.31 14.62 16.28
CA ALA C 85 -8.65 15.16 16.53
C ALA C 85 -9.72 14.42 15.75
N LYS C 86 -9.39 13.93 14.56
CA LYS C 86 -10.38 13.20 13.76
C LYS C 86 -10.76 11.88 14.42
N VAL C 87 -9.79 11.14 14.95
CA VAL C 87 -10.10 9.90 15.65
C VAL C 87 -10.77 10.18 16.98
N THR C 88 -10.67 11.40 17.50
CA THR C 88 -11.36 11.75 18.74
C THR C 88 -12.85 11.96 18.51
N LYS C 89 -13.21 12.59 17.39
CA LYS C 89 -14.62 12.71 17.03
C LYS C 89 -15.21 11.35 16.65
N ASN C 90 -14.38 10.46 16.09
CA ASN C 90 -14.85 9.12 15.75
C ASN C 90 -15.21 8.34 16.99
N ILE C 91 -14.37 8.40 18.02
CA ILE C 91 -14.65 7.71 19.28
C ILE C 91 -15.97 8.20 19.87
N THR C 92 -16.19 9.51 19.82
CA THR C 92 -17.42 10.07 20.39
C THR C 92 -18.65 9.58 19.63
N GLU C 93 -18.59 9.54 18.29
CA GLU C 93 -19.75 9.13 17.51
C GLU C 93 -19.86 7.61 17.44
N ILE C 94 -18.74 6.88 17.60
CA ILE C 94 -18.83 5.43 17.78
C ILE C 94 -19.69 5.12 19.00
N ALA C 95 -19.46 5.85 20.09
CA ALA C 95 -20.27 5.67 21.29
C ALA C 95 -21.72 6.06 21.05
N ASP C 96 -21.96 7.05 20.18
CA ASP C 96 -23.33 7.43 19.85
C ASP C 96 -24.05 6.31 19.10
N LEU C 97 -23.38 5.72 18.11
CA LEU C 97 -24.02 4.69 17.30
C LEU C 97 -24.18 3.39 18.08
N THR C 98 -23.09 2.91 18.69
CA THR C 98 -23.19 1.75 19.57
C THR C 98 -24.28 1.92 20.61
N GLN C 99 -24.56 3.16 21.02
CA GLN C 99 -25.62 3.39 21.97
C GLN C 99 -27.00 3.38 21.32
N LYS C 100 -27.17 4.11 20.21
CA LYS C 100 -28.49 4.20 19.57
C LYS C 100 -28.92 2.91 18.89
N ILE C 101 -28.11 1.85 18.94
CA ILE C 101 -28.51 0.54 18.45
C ILE C 101 -28.89 -0.35 19.63
N PHE C 102 -28.31 -0.07 20.81
CA PHE C 102 -28.76 -0.79 22.01
C PHE C 102 -30.14 -0.35 22.44
N ASP C 103 -30.46 0.94 22.25
CA ASP C 103 -31.78 1.48 22.54
C ASP C 103 -32.87 0.97 21.59
N LEU C 104 -32.50 0.06 20.67
CA LEU C 104 -33.44 -0.57 19.76
C LEU C 104 -33.53 -2.07 19.99
N ARG C 105 -33.03 -2.56 21.11
CA ARG C 105 -32.98 -4.00 21.35
C ARG C 105 -33.28 -4.34 22.82
N ILE C 118 -27.41 -25.76 40.10
CA ILE C 118 -26.77 -26.99 39.67
C ILE C 118 -25.26 -26.82 39.57
N SER C 119 -24.53 -27.93 39.64
CA SER C 119 -23.09 -27.91 39.53
C SER C 119 -22.56 -29.32 39.30
N ALA C 120 -21.80 -29.51 38.22
CA ALA C 120 -21.24 -30.82 37.89
C ALA C 120 -20.43 -31.38 39.05
N ASP C 121 -19.31 -30.72 39.39
CA ASP C 121 -18.42 -31.23 40.43
C ASP C 121 -19.16 -31.48 41.74
N ALA C 122 -20.06 -30.57 42.12
CA ALA C 122 -20.80 -30.74 43.35
C ALA C 122 -21.77 -31.91 43.28
N MET C 123 -22.43 -32.09 42.13
CA MET C 123 -23.44 -33.13 42.02
C MET C 123 -22.81 -34.51 41.93
N MET C 124 -21.62 -34.62 41.34
CA MET C 124 -20.95 -35.91 41.27
C MET C 124 -20.25 -36.29 42.57
N GLN C 125 -19.73 -35.30 43.30
CA GLN C 125 -19.08 -35.59 44.58
C GLN C 125 -20.09 -35.92 45.67
N ALA C 126 -21.35 -35.54 45.50
CA ALA C 126 -22.36 -35.84 46.52
C ALA C 126 -22.92 -37.25 46.34
N LEU C 127 -23.13 -37.69 45.11
CA LEU C 127 -23.71 -39.01 44.88
C LEU C 127 -22.66 -40.11 44.98
N LEU C 128 -21.48 -39.89 44.39
CA LEU C 128 -20.38 -40.83 44.47
C LEU C 128 -19.31 -40.33 45.43
N GLY C 129 -18.09 -40.15 44.94
CA GLY C 129 -17.00 -39.66 45.75
C GLY C 129 -15.70 -39.70 44.99
N ALA C 130 -15.16 -40.89 44.79
CA ALA C 130 -13.97 -41.06 43.97
C ALA C 130 -14.38 -41.09 42.50
N ASP D 5 18.80 26.66 -24.30
CA ASP D 5 19.96 27.15 -25.04
C ASP D 5 21.12 27.49 -24.11
N ASP D 6 20.78 27.95 -22.90
CA ASP D 6 21.77 28.52 -21.98
C ASP D 6 22.77 27.52 -21.43
N ILE D 7 23.01 26.42 -22.16
CA ILE D 7 24.21 25.63 -21.89
C ILE D 7 25.39 26.23 -22.64
N TYR D 8 25.13 26.83 -23.81
CA TYR D 8 26.18 27.51 -24.55
C TYR D 8 26.57 28.83 -23.87
N LYS D 9 25.60 29.59 -23.38
CA LYS D 9 25.90 30.80 -22.62
C LYS D 9 26.63 30.51 -21.33
N ALA D 10 26.63 29.26 -20.86
CA ALA D 10 27.41 28.88 -19.69
C ALA D 10 28.82 28.43 -20.05
N ALA D 11 29.01 27.83 -21.22
CA ALA D 11 30.36 27.54 -21.69
C ALA D 11 31.09 28.81 -22.07
N VAL D 12 30.34 29.88 -22.40
CA VAL D 12 30.96 31.16 -22.72
C VAL D 12 31.61 31.76 -21.48
N GLU D 13 31.01 31.57 -20.30
CA GLU D 13 31.54 32.15 -19.08
C GLU D 13 32.70 31.36 -18.50
N GLN D 14 32.88 30.11 -18.91
CA GLN D 14 34.06 29.34 -18.52
C GLN D 14 35.22 29.52 -19.47
N LEU D 15 35.07 30.34 -20.50
CA LEU D 15 36.17 30.62 -21.41
C LEU D 15 37.27 31.38 -20.69
N THR D 16 38.51 30.97 -20.91
CA THR D 16 39.64 31.68 -20.35
C THR D 16 39.76 33.06 -21.02
N GLU D 17 40.50 33.94 -20.35
CA GLU D 17 41.00 35.13 -21.04
C GLU D 17 42.00 34.75 -22.11
N GLU D 18 42.64 33.59 -21.98
CA GLU D 18 43.38 32.98 -23.07
C GLU D 18 42.49 32.88 -24.30
N GLN D 19 41.39 32.13 -24.18
CA GLN D 19 40.53 31.83 -25.32
C GLN D 19 39.83 33.08 -25.84
N LYS D 20 39.38 33.96 -24.93
CA LYS D 20 38.76 35.21 -25.38
C LYS D 20 39.72 36.06 -26.20
N ASN D 21 41.01 36.03 -25.85
CA ASN D 21 41.99 36.76 -26.65
C ASN D 21 42.18 36.12 -28.02
N GLU D 22 42.22 34.78 -28.05
CA GLU D 22 42.40 34.09 -29.32
C GLU D 22 41.16 34.20 -30.21
N PHE D 23 39.99 34.39 -29.60
CA PHE D 23 38.77 34.56 -30.37
C PHE D 23 38.64 35.99 -30.90
N LYS D 24 39.02 36.97 -30.08
CA LYS D 24 38.98 38.37 -30.51
C LYS D 24 39.87 38.61 -31.72
N ALA D 25 41.07 38.00 -31.71
CA ALA D 25 41.98 38.17 -32.84
C ALA D 25 41.38 37.59 -34.11
N ALA D 26 40.63 36.50 -34.00
CA ALA D 26 39.99 35.92 -35.17
C ALA D 26 38.79 36.74 -35.62
N PHE D 27 38.04 37.28 -34.65
CA PHE D 27 36.84 38.06 -34.99
C PHE D 27 37.18 39.31 -35.77
N ASP D 28 38.33 39.93 -35.50
CA ASP D 28 38.70 41.15 -36.21
C ASP D 28 39.12 40.87 -37.65
N ILE D 29 39.47 39.63 -37.97
CA ILE D 29 39.75 39.28 -39.36
C ILE D 29 38.45 39.06 -40.12
N PHE D 30 37.40 38.63 -39.43
CA PHE D 30 36.07 38.52 -40.04
C PHE D 30 35.62 39.87 -40.60
N VAL D 31 35.58 40.89 -39.73
CA VAL D 31 34.99 42.19 -40.08
C VAL D 31 35.88 43.03 -40.97
N LEU D 32 37.03 42.51 -41.41
CA LEU D 32 37.91 43.25 -42.30
C LEU D 32 37.21 43.45 -43.64
N GLY D 33 36.90 44.71 -43.96
CA GLY D 33 36.14 45.04 -45.14
C GLY D 33 34.68 45.33 -44.89
N ALA D 34 34.19 45.09 -43.68
CA ALA D 34 32.80 45.37 -43.33
C ALA D 34 32.64 46.81 -42.86
N GLU D 35 31.48 47.40 -43.13
CA GLU D 35 31.20 48.79 -42.81
C GLU D 35 30.27 48.93 -41.62
N ASP D 36 29.99 47.82 -40.97
CA ASP D 36 29.39 47.82 -39.65
C ASP D 36 30.41 47.46 -38.60
N GLY D 37 31.32 46.55 -38.96
CA GLY D 37 32.29 45.99 -38.04
C GLY D 37 31.79 44.74 -37.35
N SER D 38 30.77 44.11 -37.92
CA SER D 38 30.15 42.91 -37.39
C SER D 38 29.89 41.99 -38.56
N ILE D 39 29.67 40.72 -38.25
CA ILE D 39 29.62 39.68 -39.27
C ILE D 39 28.24 39.67 -39.92
N SER D 40 28.22 39.69 -41.24
CA SER D 40 27.00 39.54 -42.03
C SER D 40 27.25 38.45 -43.07
N THR D 41 26.20 38.14 -43.85
CA THR D 41 26.31 37.11 -44.87
C THR D 41 27.36 37.45 -45.91
N LYS D 42 27.64 38.75 -46.11
CA LYS D 42 28.72 39.14 -46.99
C LYS D 42 30.06 38.61 -46.50
N GLU D 43 30.31 38.75 -45.19
CA GLU D 43 31.55 38.27 -44.59
C GLU D 43 31.46 36.82 -44.16
N LEU D 44 30.31 36.42 -43.60
CA LEU D 44 30.16 35.05 -43.12
C LEU D 44 30.28 34.06 -44.25
N GLY D 45 29.66 34.36 -45.40
CA GLY D 45 29.78 33.49 -46.55
C GLY D 45 31.19 33.44 -47.11
N LYS D 46 31.94 34.54 -46.97
CA LYS D 46 33.34 34.55 -47.41
C LYS D 46 34.19 33.57 -46.62
N VAL D 47 33.86 33.37 -45.33
CA VAL D 47 34.77 32.67 -44.44
C VAL D 47 34.67 31.16 -44.61
N MET D 48 33.48 30.61 -44.86
CA MET D 48 33.39 29.16 -44.97
C MET D 48 33.93 28.67 -46.31
N ARG D 49 33.71 29.43 -47.38
CA ARG D 49 34.34 29.10 -48.66
C ARG D 49 35.85 29.27 -48.60
N MET D 50 36.36 30.00 -47.60
CA MET D 50 37.79 30.01 -47.33
C MET D 50 38.27 28.67 -46.78
N LEU D 51 37.36 27.91 -46.15
CA LEU D 51 37.69 26.63 -45.55
C LEU D 51 37.50 25.45 -46.49
N GLY D 52 37.07 25.70 -47.73
CA GLY D 52 36.74 24.61 -48.62
C GLY D 52 35.33 24.08 -48.45
N GLN D 53 34.45 24.85 -47.81
CA GLN D 53 33.05 24.48 -47.60
C GLN D 53 32.16 25.31 -48.51
N ASN D 54 31.00 24.76 -48.86
CA ASN D 54 30.12 25.35 -49.87
C ASN D 54 28.77 25.69 -49.26
N PRO D 55 28.59 26.88 -48.70
CA PRO D 55 27.28 27.27 -48.17
C PRO D 55 26.45 28.11 -49.14
N THR D 56 25.25 28.54 -48.74
CA THR D 56 24.31 29.25 -49.60
C THR D 56 23.34 30.09 -48.75
N PRO D 57 23.00 31.34 -49.18
CA PRO D 57 22.37 32.34 -48.29
C PRO D 57 21.27 31.98 -47.29
N GLU D 58 20.65 30.81 -47.30
CA GLU D 58 19.52 30.63 -46.39
C GLU D 58 19.87 29.97 -45.07
N GLU D 59 20.86 29.07 -45.03
CA GLU D 59 21.41 28.64 -43.75
C GLU D 59 22.38 29.67 -43.18
N LEU D 60 22.92 30.55 -44.02
CA LEU D 60 23.76 31.64 -43.55
C LEU D 60 22.93 32.68 -42.80
N GLN D 61 21.83 33.13 -43.42
CA GLN D 61 20.85 33.93 -42.69
C GLN D 61 20.47 33.24 -41.40
N GLU D 62 20.13 31.96 -41.48
CA GLU D 62 19.66 31.21 -40.32
C GLU D 62 20.69 31.20 -39.21
N MET D 63 21.92 30.75 -39.49
CA MET D 63 22.92 30.65 -38.44
C MET D 63 23.33 32.02 -37.90
N ILE D 64 22.96 33.11 -38.59
CA ILE D 64 23.07 34.43 -37.99
C ILE D 64 22.02 34.60 -36.90
N ASP D 65 20.75 34.30 -37.21
CA ASP D 65 19.70 34.58 -36.24
C ASP D 65 19.69 33.62 -35.07
N GLU D 66 20.26 32.42 -35.22
CA GLU D 66 20.29 31.49 -34.08
C GLU D 66 21.29 31.92 -33.01
N VAL D 67 22.12 32.92 -33.29
CA VAL D 67 22.90 33.59 -32.26
C VAL D 67 22.57 35.07 -32.16
N ASP D 68 21.92 35.66 -33.17
CA ASP D 68 21.48 37.05 -33.15
C ASP D 68 20.36 37.18 -32.12
N GLU D 69 20.68 37.72 -30.96
CA GLU D 69 19.70 37.91 -29.91
C GLU D 69 19.36 39.37 -29.65
N ASP D 70 19.89 40.30 -30.44
CA ASP D 70 19.42 41.68 -30.39
C ASP D 70 18.41 41.96 -31.50
N GLY D 71 18.70 41.51 -32.71
CA GLY D 71 17.78 41.67 -33.83
C GLY D 71 18.27 42.67 -34.86
N SER D 72 19.41 42.40 -35.48
CA SER D 72 19.97 43.28 -36.48
C SER D 72 20.46 42.57 -37.74
N GLY D 73 20.31 41.25 -37.84
CA GLY D 73 20.77 40.53 -39.00
C GLY D 73 22.28 40.47 -39.12
N THR D 74 23.00 40.67 -38.02
CA THR D 74 24.45 40.62 -38.01
C THR D 74 24.92 39.99 -36.70
N VAL D 75 26.17 39.53 -36.70
CA VAL D 75 26.78 38.91 -35.54
C VAL D 75 27.89 39.82 -35.03
N ASP D 76 27.76 40.28 -33.79
CA ASP D 76 28.79 41.04 -33.12
C ASP D 76 29.62 40.11 -32.24
N PHE D 77 30.60 40.69 -31.54
CA PHE D 77 31.57 39.87 -30.81
C PHE D 77 30.91 39.05 -29.71
N ASP D 78 29.96 39.64 -28.98
CA ASP D 78 29.26 38.90 -27.94
C ASP D 78 28.46 37.75 -28.54
N GLU D 79 27.74 38.02 -29.63
CA GLU D 79 27.02 36.98 -30.35
C GLU D 79 27.94 36.00 -31.07
N PHE D 80 29.24 36.29 -31.12
CA PHE D 80 30.21 35.44 -31.80
C PHE D 80 30.76 34.35 -30.90
N LEU D 81 30.96 34.65 -29.61
CA LEU D 81 31.49 33.65 -28.69
C LEU D 81 30.55 32.46 -28.54
N VAL D 82 29.23 32.71 -28.56
CA VAL D 82 28.28 31.60 -28.47
C VAL D 82 28.28 30.79 -29.74
N MET D 83 28.50 31.44 -30.90
CA MET D 83 28.57 30.71 -32.15
C MET D 83 29.74 29.73 -32.16
N MET D 84 30.83 30.08 -31.47
CA MET D 84 32.02 29.26 -31.48
C MET D 84 31.89 28.03 -30.58
N VAL D 85 31.28 28.19 -29.40
CA VAL D 85 31.18 27.08 -28.47
C VAL D 85 30.21 26.01 -28.96
N ARG D 86 29.28 26.36 -29.84
CA ARG D 86 28.41 25.34 -30.44
C ARG D 86 29.21 24.37 -31.29
N SER D 87 30.32 24.83 -31.87
CA SER D 87 31.20 23.94 -32.64
C SER D 87 31.99 23.00 -31.74
N MET D 88 31.97 23.20 -30.43
CA MET D 88 32.77 22.39 -29.52
C MET D 88 31.89 21.69 -28.49
N GLY D 94 24.10 13.79 -22.37
CA GLY D 94 22.90 13.85 -23.17
C GLY D 94 21.78 12.97 -22.63
N LYS D 95 20.61 13.58 -22.44
CA LYS D 95 19.45 12.89 -21.88
C LYS D 95 18.44 12.63 -22.99
N SER D 96 18.15 11.35 -23.23
CA SER D 96 17.13 10.98 -24.21
C SER D 96 15.74 11.25 -23.65
N GLU D 97 14.79 11.47 -24.57
CA GLU D 97 13.45 11.90 -24.15
C GLU D 97 12.78 10.86 -23.26
N GLU D 98 12.97 9.57 -23.58
CA GLU D 98 12.36 8.53 -22.76
C GLU D 98 13.00 8.45 -21.38
N GLU D 99 14.31 8.73 -21.29
CA GLU D 99 14.95 8.88 -19.99
C GLU D 99 14.36 10.06 -19.24
N LEU D 100 14.16 11.19 -19.94
CA LEU D 100 13.66 12.39 -19.30
C LEU D 100 12.19 12.25 -18.88
N SER D 101 11.43 11.39 -19.56
CA SER D 101 10.02 11.24 -19.21
C SER D 101 9.84 10.51 -17.89
N ASP D 102 10.75 9.59 -17.56
CA ASP D 102 10.71 8.94 -16.25
C ASP D 102 10.98 9.95 -15.15
N LEU D 103 12.02 10.77 -15.31
CA LEU D 103 12.34 11.79 -14.31
C LEU D 103 11.21 12.79 -14.15
N PHE D 104 10.45 13.05 -15.22
CA PHE D 104 9.30 13.95 -15.13
C PHE D 104 8.30 13.47 -14.11
N ARG D 105 8.13 12.14 -13.99
CA ARG D 105 7.21 11.58 -13.02
C ARG D 105 7.69 11.78 -11.59
N MET D 106 9.01 11.85 -11.38
CA MET D 106 9.54 12.04 -10.04
C MET D 106 9.39 13.49 -9.58
N PHE D 107 9.26 14.46 -10.50
CA PHE D 107 8.94 15.82 -10.09
C PHE D 107 7.48 15.94 -9.68
N ASP D 108 6.62 15.11 -10.27
CA ASP D 108 5.16 15.20 -10.11
C ASP D 108 4.75 14.36 -8.91
N LYS D 109 4.86 14.97 -7.72
CA LYS D 109 4.62 14.27 -6.47
C LYS D 109 3.15 14.06 -6.15
N ASN D 110 2.23 14.71 -6.88
CA ASN D 110 0.81 14.46 -6.73
C ASN D 110 0.18 13.81 -7.96
N ALA D 111 0.97 13.56 -9.00
CA ALA D 111 0.54 12.78 -10.16
C ALA D 111 -0.69 13.38 -10.84
N ASP D 112 -0.63 14.68 -11.11
CA ASP D 112 -1.68 15.36 -11.87
C ASP D 112 -1.24 15.69 -13.29
N GLY D 113 -0.05 15.27 -13.70
CA GLY D 113 0.44 15.50 -15.03
C GLY D 113 1.23 16.78 -15.23
N TYR D 114 1.38 17.59 -14.18
CA TYR D 114 2.07 18.87 -14.29
C TYR D 114 3.01 19.05 -13.09
N ILE D 115 4.00 19.92 -13.28
CA ILE D 115 4.92 20.31 -12.21
C ILE D 115 4.58 21.73 -11.80
N ASP D 116 4.32 21.93 -10.51
CA ASP D 116 3.83 23.22 -10.03
C ASP D 116 4.89 23.96 -9.21
N LEU D 117 4.44 24.89 -8.37
CA LEU D 117 5.36 25.66 -7.53
C LEU D 117 5.95 24.81 -6.42
N GLU D 118 5.10 24.10 -5.68
CA GLU D 118 5.56 23.23 -4.61
C GLU D 118 6.60 22.24 -5.11
N GLU D 119 6.22 21.44 -6.09
CA GLU D 119 7.01 20.27 -6.47
C GLU D 119 8.38 20.66 -7.00
N LEU D 120 8.50 21.84 -7.60
CA LEU D 120 9.82 22.34 -7.98
C LEU D 120 10.63 22.72 -6.74
N LYS D 121 10.01 23.43 -5.79
CA LYS D 121 10.68 23.81 -4.56
C LYS D 121 11.13 22.59 -3.78
N ILE D 122 10.28 21.56 -3.73
CA ILE D 122 10.62 20.35 -2.98
C ILE D 122 11.88 19.70 -3.55
N MET D 123 11.95 19.59 -4.87
CA MET D 123 13.10 18.97 -5.51
C MET D 123 14.36 19.81 -5.33
N LEU D 124 14.24 21.13 -5.54
CA LEU D 124 15.39 22.02 -5.42
C LEU D 124 15.97 21.98 -4.01
N GLN D 125 15.10 22.03 -2.99
CA GLN D 125 15.56 22.01 -1.61
C GLN D 125 16.21 20.70 -1.21
N ALA D 126 16.05 19.65 -2.01
CA ALA D 126 16.64 18.35 -1.71
C ALA D 126 17.97 18.12 -2.44
N THR D 127 18.53 19.16 -3.05
CA THR D 127 19.76 19.02 -3.83
C THR D 127 21.02 19.19 -2.99
N GLY D 128 20.89 19.56 -1.72
CA GLY D 128 22.07 19.83 -0.92
C GLY D 128 22.79 21.12 -1.28
N GLU D 129 22.06 22.09 -1.81
CA GLU D 129 22.63 23.36 -2.23
C GLU D 129 21.71 24.47 -1.76
N THR D 130 22.30 25.56 -1.25
CA THR D 130 21.50 26.68 -0.79
C THR D 130 20.75 27.31 -1.95
N ILE D 131 19.43 27.45 -1.80
CA ILE D 131 18.54 27.81 -2.89
C ILE D 131 18.03 29.21 -2.60
N THR D 132 18.61 30.20 -3.28
CA THR D 132 18.19 31.58 -3.13
C THR D 132 16.75 31.76 -3.63
N GLU D 133 16.03 32.69 -3.01
CA GLU D 133 14.69 33.02 -3.47
C GLU D 133 14.71 33.76 -4.80
N ASP D 134 15.88 34.12 -5.31
CA ASP D 134 16.02 34.56 -6.69
C ASP D 134 15.87 33.37 -7.64
N ASP D 135 16.72 32.37 -7.44
CA ASP D 135 16.82 31.20 -8.31
C ASP D 135 15.46 30.59 -8.62
N ILE D 136 14.69 30.29 -7.57
CA ILE D 136 13.46 29.51 -7.72
C ILE D 136 12.55 30.14 -8.76
N GLU D 137 12.09 31.36 -8.49
CA GLU D 137 11.05 31.99 -9.27
C GLU D 137 11.57 32.81 -10.44
N GLU D 138 12.78 32.50 -10.90
CA GLU D 138 13.19 32.78 -12.27
C GLU D 138 13.61 31.53 -13.02
N LEU D 139 13.95 30.44 -12.31
CA LEU D 139 14.07 29.13 -12.93
C LEU D 139 12.71 28.60 -13.37
N MET D 140 11.66 28.91 -12.61
CA MET D 140 10.31 28.48 -12.96
C MET D 140 9.78 29.26 -14.16
N LYS D 141 10.21 30.51 -14.32
CA LYS D 141 9.77 31.31 -15.46
C LYS D 141 10.48 30.90 -16.75
N ASP D 142 11.72 30.41 -16.65
CA ASP D 142 12.39 29.85 -17.82
C ASP D 142 11.64 28.64 -18.35
N GLY D 143 11.00 27.89 -17.47
CA GLY D 143 10.27 26.70 -17.87
C GLY D 143 8.83 26.94 -18.26
N ASP D 144 8.03 27.38 -17.29
CA ASP D 144 6.64 27.73 -17.56
C ASP D 144 6.62 28.92 -18.51
N LYS D 145 6.63 28.66 -19.81
CA LYS D 145 6.78 29.68 -20.83
C LYS D 145 5.46 30.17 -21.40
N ASN D 146 4.32 29.66 -20.90
CA ASN D 146 3.03 30.24 -21.19
C ASN D 146 2.39 30.84 -19.93
N ASN D 147 3.14 30.88 -18.83
CA ASN D 147 2.74 31.52 -17.57
C ASN D 147 1.35 31.04 -17.12
N ASP D 148 1.22 29.73 -16.99
CA ASP D 148 0.05 29.13 -16.39
C ASP D 148 0.35 28.55 -15.01
N GLY D 149 1.53 28.81 -14.47
CA GLY D 149 1.89 28.35 -13.15
C GLY D 149 2.32 26.90 -13.06
N ARG D 150 2.53 26.22 -14.17
CA ARG D 150 2.94 24.83 -14.13
C ARG D 150 3.74 24.46 -15.36
N ILE D 151 4.82 23.71 -15.16
CA ILE D 151 5.54 23.11 -16.27
C ILE D 151 4.78 21.87 -16.72
N ASP D 152 4.66 21.68 -18.03
CA ASP D 152 4.08 20.47 -18.57
C ASP D 152 5.15 19.65 -19.28
N TYR D 153 4.72 18.50 -19.83
CA TYR D 153 5.66 17.57 -20.44
C TYR D 153 6.44 18.21 -21.58
N ASP D 154 5.76 19.03 -22.40
CA ASP D 154 6.44 19.66 -23.52
C ASP D 154 7.41 20.73 -23.04
N GLU D 155 7.03 21.50 -22.02
CA GLU D 155 7.92 22.51 -21.47
C GLU D 155 9.10 21.88 -20.75
N PHE D 156 8.86 20.76 -20.07
CA PHE D 156 9.92 20.07 -19.34
C PHE D 156 11.02 19.58 -20.28
N LEU D 157 10.67 19.28 -21.53
CA LEU D 157 11.67 18.83 -22.49
C LEU D 157 12.57 19.98 -22.93
N GLU D 158 11.96 21.12 -23.29
CA GLU D 158 12.73 22.33 -23.56
C GLU D 158 13.43 22.85 -22.31
N PHE D 159 13.00 22.42 -21.12
CA PHE D 159 13.62 22.88 -19.88
C PHE D 159 14.92 22.15 -19.60
N MET D 160 15.05 20.90 -20.01
CA MET D 160 16.21 20.08 -19.71
C MET D 160 16.93 19.63 -20.97
N LYS D 161 16.88 20.43 -22.02
CA LYS D 161 17.59 20.11 -23.26
C LYS D 161 19.09 20.00 -23.02
N GLY D 162 19.68 18.93 -23.54
CA GLY D 162 21.12 18.74 -23.45
C GLY D 162 21.72 18.55 -22.06
N VAL D 163 21.00 18.97 -21.02
CA VAL D 163 21.49 18.92 -19.65
C VAL D 163 21.91 17.50 -19.32
N GLU D 164 23.19 17.32 -18.97
CA GLU D 164 23.78 16.01 -18.76
C GLU D 164 23.18 15.29 -17.54
N GLU E 27 -23.00 -29.50 -22.53
CA GLU E 27 -21.56 -29.23 -22.59
C GLU E 27 -20.93 -29.08 -21.21
N LYS E 28 -21.37 -29.93 -20.27
CA LYS E 28 -20.57 -30.19 -19.07
C LYS E 28 -19.27 -30.89 -19.43
N LYS E 29 -19.15 -31.31 -20.70
CA LYS E 29 -17.93 -31.88 -21.27
C LYS E 29 -16.67 -31.10 -20.90
N LYS E 30 -16.71 -29.78 -21.03
CA LYS E 30 -15.52 -28.97 -20.77
C LYS E 30 -15.06 -29.11 -19.32
N LYS E 31 -16.00 -29.23 -18.39
CA LYS E 31 -15.62 -29.48 -17.00
C LYS E 31 -14.98 -30.85 -16.83
N ILE E 32 -15.40 -31.83 -17.63
CA ILE E 32 -14.79 -33.15 -17.56
C ILE E 32 -13.45 -33.17 -18.28
N LEU E 33 -13.38 -32.53 -19.45
CA LEU E 33 -12.16 -32.58 -20.25
C LEU E 33 -11.04 -31.72 -19.67
N ALA E 34 -11.37 -30.73 -18.84
CA ALA E 34 -10.35 -29.91 -18.20
C ALA E 34 -9.92 -30.43 -16.84
N GLU E 35 -10.82 -31.12 -16.13
CA GLU E 35 -10.46 -31.78 -14.88
C GLU E 35 -9.71 -33.08 -15.12
N ARG E 36 -9.65 -33.56 -16.36
CA ARG E 36 -8.83 -34.71 -16.70
C ARG E 36 -7.40 -34.32 -17.01
N ARG E 37 -7.13 -33.04 -17.25
CA ARG E 37 -5.78 -32.60 -17.56
C ARG E 37 -4.82 -32.93 -16.42
N LYS E 38 -5.28 -32.78 -15.18
CA LYS E 38 -4.42 -33.08 -14.03
C LYS E 38 -4.22 -34.59 -13.89
N VAL E 39 -5.29 -35.37 -13.99
CA VAL E 39 -5.20 -36.81 -13.79
C VAL E 39 -4.35 -37.47 -14.88
N LEU E 40 -4.13 -36.78 -16.00
CA LEU E 40 -3.30 -37.33 -17.07
C LEU E 40 -1.83 -37.03 -16.90
N ALA E 41 -1.47 -35.98 -16.16
CA ALA E 41 -0.08 -35.59 -15.97
C ALA E 41 0.49 -36.04 -14.63
N ILE E 42 -0.30 -36.73 -13.80
CA ILE E 42 0.05 -36.98 -12.42
C ILE E 42 0.04 -38.49 -12.08
N ASP E 43 -0.99 -39.20 -12.55
CA ASP E 43 -1.33 -40.49 -11.95
C ASP E 43 -0.45 -41.66 -12.36
N HIS E 44 0.41 -41.49 -13.36
CA HIS E 44 1.37 -42.52 -13.77
C HIS E 44 2.73 -42.27 -13.14
N LEU E 45 2.69 -42.03 -11.84
CA LEU E 45 3.76 -41.36 -11.10
C LEU E 45 4.81 -42.33 -10.58
N ASN E 46 5.79 -41.76 -9.89
CA ASN E 46 6.57 -42.42 -8.86
C ASN E 46 6.36 -41.63 -7.57
N GLU E 47 6.58 -42.29 -6.43
CA GLU E 47 6.78 -41.49 -5.23
C GLU E 47 8.06 -40.69 -5.33
N ASP E 48 9.03 -41.21 -6.09
CA ASP E 48 10.29 -40.50 -6.32
C ASP E 48 10.16 -39.42 -7.39
N GLN E 49 9.15 -39.51 -8.26
CA GLN E 49 8.95 -38.52 -9.33
C GLN E 49 7.87 -37.51 -9.00
N LEU E 50 6.92 -37.88 -8.14
CA LEU E 50 5.89 -36.95 -7.70
C LEU E 50 6.49 -35.81 -6.89
N ARG E 51 7.50 -36.13 -6.07
CA ARG E 51 8.16 -35.10 -5.26
C ARG E 51 8.81 -34.04 -6.14
N GLU E 52 9.62 -34.47 -7.10
CA GLU E 52 10.29 -33.54 -7.99
C GLU E 52 9.34 -32.88 -8.99
N LYS E 53 8.11 -33.38 -9.11
CA LYS E 53 7.11 -32.76 -9.96
C LYS E 53 6.29 -31.72 -9.18
N ALA E 54 5.89 -32.05 -7.96
CA ALA E 54 5.25 -31.06 -7.09
C ALA E 54 6.19 -29.91 -6.80
N LYS E 55 7.49 -30.19 -6.69
CA LYS E 55 8.49 -29.13 -6.60
C LYS E 55 8.53 -28.32 -7.89
N GLU E 56 8.43 -29.01 -9.03
CA GLU E 56 8.51 -28.31 -10.32
C GLU E 56 7.31 -27.39 -10.55
N LEU E 57 6.12 -27.83 -10.13
CA LEU E 57 4.93 -27.02 -10.33
C LEU E 57 4.94 -25.78 -9.45
N TRP E 58 5.47 -25.89 -8.23
CA TRP E 58 5.47 -24.76 -7.31
C TRP E 58 6.28 -23.60 -7.89
N GLN E 59 7.50 -23.88 -8.33
CA GLN E 59 8.39 -22.82 -8.82
C GLN E 59 7.80 -22.14 -10.05
N SER E 60 6.94 -22.82 -10.80
CA SER E 60 6.23 -22.17 -11.90
C SER E 60 5.05 -21.35 -11.40
N ILE E 61 4.40 -21.79 -10.31
CA ILE E 61 3.39 -20.94 -9.67
C ILE E 61 4.03 -19.66 -9.16
N TYR E 62 5.22 -19.78 -8.58
CA TYR E 62 5.97 -18.60 -8.15
C TYR E 62 6.36 -17.74 -9.35
N ASN E 63 6.89 -18.38 -10.40
CA ASN E 63 7.32 -17.63 -11.59
C ASN E 63 6.15 -16.94 -12.28
N LEU E 64 4.97 -17.55 -12.25
CA LEU E 64 3.80 -16.93 -12.88
C LEU E 64 3.28 -15.76 -12.06
N GLU E 65 3.30 -15.88 -10.73
CA GLU E 65 2.88 -14.77 -9.88
C GLU E 65 3.86 -13.61 -9.97
N ALA E 66 5.15 -13.90 -10.13
CA ALA E 66 6.13 -12.85 -10.34
C ALA E 66 5.85 -12.09 -11.63
N GLU E 67 5.66 -12.81 -12.73
CA GLU E 67 5.34 -12.17 -13.99
C GLU E 67 4.03 -11.38 -13.91
N LYS E 68 3.07 -11.86 -13.11
CA LYS E 68 1.80 -11.15 -12.97
C LYS E 68 1.95 -9.88 -12.14
N PHE E 69 2.85 -9.89 -11.15
CA PHE E 69 3.11 -8.68 -10.37
C PHE E 69 3.70 -7.58 -11.26
N ASP E 70 4.62 -7.97 -12.15
CA ASP E 70 5.24 -6.98 -13.05
C ASP E 70 4.19 -6.37 -13.98
N LEU E 71 3.22 -7.18 -14.43
CA LEU E 71 2.21 -6.67 -15.34
C LEU E 71 1.25 -5.72 -14.64
N GLN E 72 0.99 -5.94 -13.35
CA GLN E 72 0.13 -5.01 -12.60
C GLN E 72 0.84 -3.69 -12.36
N GLU E 73 2.15 -3.75 -12.08
CA GLU E 73 2.93 -2.52 -11.94
C GLU E 73 2.92 -1.70 -13.22
N LYS E 74 3.16 -2.36 -14.36
CA LYS E 74 3.17 -1.65 -15.63
C LYS E 74 1.78 -1.14 -16.00
N PHE E 75 0.73 -1.83 -15.56
CA PHE E 75 -0.62 -1.36 -15.82
C PHE E 75 -0.90 -0.04 -15.10
N LYS E 76 -0.36 0.12 -13.89
CA LYS E 76 -0.53 1.37 -13.17
C LYS E 76 0.30 2.48 -13.79
N GLN E 77 1.56 2.18 -14.13
CA GLN E 77 2.42 3.16 -14.79
C GLN E 77 1.82 3.63 -16.10
N GLN E 78 1.15 2.73 -16.82
CA GLN E 78 0.54 3.08 -18.10
C GLN E 78 -0.60 4.06 -17.92
N LYS E 79 -1.41 3.88 -16.87
CA LYS E 79 -2.53 4.77 -16.62
C LYS E 79 -2.07 6.20 -16.37
N TYR E 80 -0.84 6.37 -15.89
CA TYR E 80 -0.26 7.70 -15.74
C TYR E 80 0.29 8.22 -17.07
N GLU E 81 0.96 7.34 -17.82
CA GLU E 81 1.42 7.70 -19.17
C GLU E 81 0.25 8.16 -20.04
N ILE E 82 -0.90 7.50 -19.90
CA ILE E 82 -2.05 7.84 -20.74
C ILE E 82 -2.66 9.16 -20.30
N ASN E 83 -2.80 9.36 -18.98
CA ASN E 83 -3.38 10.60 -18.47
C ASN E 83 -2.49 11.80 -18.79
N VAL E 84 -1.16 11.59 -18.86
CA VAL E 84 -0.27 12.66 -19.27
C VAL E 84 -0.38 12.91 -20.78
N LEU E 85 -0.60 11.85 -21.57
CA LEU E 85 -0.77 12.03 -23.01
C LEU E 85 -2.08 12.71 -23.33
N ARG E 86 -3.13 12.41 -22.58
CA ARG E 86 -4.42 13.07 -22.80
C ARG E 86 -4.34 14.57 -22.45
N ASN E 87 -3.62 14.90 -21.38
CA ASN E 87 -3.42 16.30 -21.01
C ASN E 87 -2.79 17.08 -22.16
N ARG E 88 -1.72 16.52 -22.75
CA ARG E 88 -0.98 17.20 -23.80
C ARG E 88 -1.80 17.48 -25.05
N ILE E 89 -3.03 16.96 -25.13
CA ILE E 89 -3.92 17.23 -26.25
C ILE E 89 -4.95 18.29 -25.89
N ASN E 90 -5.57 18.17 -24.71
CA ASN E 90 -6.48 19.21 -24.25
C ASN E 90 -5.78 20.56 -24.15
N ASP E 91 -4.47 20.55 -23.91
CA ASP E 91 -3.69 21.80 -23.89
C ASP E 91 -3.43 22.30 -25.30
N ASN E 92 -2.64 21.55 -26.07
CA ASN E 92 -2.17 21.96 -27.39
C ASN E 92 -3.29 22.00 -28.42
N GLN E 93 -4.45 22.54 -28.04
CA GLN E 93 -5.58 22.63 -28.94
C GLN E 93 -5.95 24.08 -29.19
N LYS F 9 18.93 37.46 -14.84
CA LYS F 9 18.60 37.78 -13.45
C LYS F 9 19.55 37.04 -12.51
N ILE F 10 20.28 36.08 -13.04
CA ILE F 10 21.18 35.24 -12.25
C ILE F 10 22.09 34.51 -13.21
N SER F 11 23.28 34.12 -12.74
CA SER F 11 24.29 33.43 -13.53
C SER F 11 23.66 32.35 -14.40
N ALA F 12 24.01 32.37 -15.69
CA ALA F 12 23.55 31.34 -16.62
C ALA F 12 24.26 30.02 -16.41
N SER F 13 25.30 29.98 -15.58
CA SER F 13 25.93 28.73 -15.17
C SER F 13 25.45 28.27 -13.80
N ARG F 14 24.77 29.13 -13.06
CA ARG F 14 24.00 28.68 -11.90
C ARG F 14 22.80 27.86 -12.35
N LYS F 15 22.14 28.31 -13.42
CA LYS F 15 21.00 27.60 -13.97
C LYS F 15 21.37 26.17 -14.33
N LEU F 16 22.53 26.00 -14.98
CA LEU F 16 22.98 24.65 -15.34
C LEU F 16 23.28 23.83 -14.10
N GLN F 17 23.84 24.46 -13.06
CA GLN F 17 24.15 23.74 -11.83
C GLN F 17 22.89 23.17 -11.19
N LEU F 18 21.82 23.97 -11.12
CA LEU F 18 20.56 23.49 -10.57
C LEU F 18 19.98 22.38 -11.45
N LYS F 19 19.93 22.61 -12.76
CA LYS F 19 19.34 21.63 -13.66
C LYS F 19 20.13 20.32 -13.67
N THR F 20 21.45 20.41 -13.53
CA THR F 20 22.25 19.20 -13.43
C THR F 20 21.98 18.46 -12.13
N LEU F 21 21.86 19.19 -11.02
CA LEU F 21 21.63 18.55 -9.73
C LEU F 21 20.20 18.05 -9.59
N LEU F 22 19.23 18.80 -10.13
CA LEU F 22 17.83 18.37 -10.06
C LEU F 22 17.64 17.00 -10.69
N LEU F 23 18.24 16.77 -11.86
CA LEU F 23 18.17 15.45 -12.47
C LEU F 23 18.99 14.42 -11.70
N GLN F 24 20.08 14.87 -11.06
CA GLN F 24 20.95 13.93 -10.35
C GLN F 24 20.25 13.28 -9.18
N ILE F 25 19.30 13.97 -8.55
CA ILE F 25 18.58 13.38 -7.44
C ILE F 25 17.29 12.71 -7.91
N ALA F 26 16.62 13.26 -8.93
CA ALA F 26 15.45 12.58 -9.49
C ALA F 26 15.82 11.20 -10.02
N LYS F 27 17.07 11.02 -10.44
CA LYS F 27 17.58 9.70 -10.76
C LYS F 27 17.75 8.87 -9.49
N GLN F 28 18.23 9.49 -8.41
CA GLN F 28 18.37 8.81 -7.14
C GLN F 28 17.02 8.30 -6.64
N GLU F 29 15.97 9.12 -6.76
CA GLU F 29 14.66 8.74 -6.24
C GLU F 29 14.02 7.68 -7.13
N LEU F 30 14.27 7.73 -8.44
CA LEU F 30 13.78 6.69 -9.34
C LEU F 30 14.35 5.33 -8.95
N GLU F 31 15.67 5.25 -8.80
CA GLU F 31 16.31 3.98 -8.48
C GLU F 31 16.01 3.51 -7.06
N ARG F 32 15.61 4.42 -6.17
CA ARG F 32 15.16 3.99 -4.85
C ARG F 32 13.70 3.57 -4.86
N GLU F 33 12.86 4.21 -5.68
CA GLU F 33 11.49 3.75 -5.87
C GLU F 33 11.47 2.38 -6.53
N ALA F 34 12.44 2.10 -7.42
CA ALA F 34 12.55 0.76 -7.98
C ALA F 34 13.10 -0.22 -6.96
N GLU F 35 13.87 0.27 -5.98
CA GLU F 35 14.44 -0.61 -4.97
C GLU F 35 13.38 -1.06 -3.97
N GLU F 36 12.46 -0.16 -3.60
CA GLU F 36 11.36 -0.56 -2.72
C GLU F 36 10.29 -1.36 -3.46
N ARG F 37 10.29 -1.35 -4.79
CA ARG F 37 9.42 -2.23 -5.54
C ARG F 37 9.96 -3.66 -5.55
N ARG F 38 11.28 -3.82 -5.54
CA ARG F 38 11.87 -5.15 -5.42
C ARG F 38 11.54 -5.77 -4.07
N GLY F 39 11.34 -4.95 -3.04
CA GLY F 39 10.94 -5.45 -1.73
C GLY F 39 9.47 -5.84 -1.67
N GLU F 40 8.58 -4.95 -2.09
CA GLU F 40 7.15 -5.25 -2.06
C GLU F 40 6.81 -6.43 -2.97
N LYS F 41 7.56 -6.60 -4.06
CA LYS F 41 7.43 -7.80 -4.88
C LYS F 41 7.75 -9.05 -4.07
N GLY F 42 8.90 -9.07 -3.41
CA GLY F 42 9.29 -10.22 -2.62
C GLY F 42 8.33 -10.55 -1.51
N ARG F 43 7.76 -9.51 -0.89
CA ARG F 43 6.73 -9.73 0.12
C ARG F 43 5.45 -10.28 -0.49
N ALA F 44 5.07 -9.78 -1.67
CA ALA F 44 3.88 -10.29 -2.33
C ALA F 44 4.04 -11.74 -2.74
N LEU F 45 5.26 -12.18 -3.05
CA LEU F 45 5.50 -13.57 -3.41
C LEU F 45 5.55 -14.49 -2.20
N SER F 46 5.86 -13.95 -1.02
CA SER F 46 5.65 -14.73 0.20
C SER F 46 4.16 -14.95 0.47
N THR F 47 3.33 -14.01 0.04
CA THR F 47 1.89 -14.11 0.28
C THR F 47 1.22 -15.08 -0.68
N ARG F 48 1.61 -15.05 -1.96
CA ARG F 48 0.92 -15.79 -3.01
C ARG F 48 1.75 -16.96 -3.53
N ALA F 49 2.78 -17.37 -2.79
CA ALA F 49 3.59 -18.53 -3.12
C ALA F 49 4.51 -18.88 -1.95
N GLN F 50 3.93 -19.32 -0.84
CA GLN F 50 4.69 -19.64 0.35
C GLN F 50 5.37 -21.01 0.24
N PRO F 51 6.47 -21.23 0.96
CA PRO F 51 7.31 -22.42 0.73
C PRO F 51 6.55 -23.73 0.89
N LEU F 52 7.21 -24.79 0.47
CA LEU F 52 6.57 -26.07 0.17
C LEU F 52 6.55 -26.95 1.43
N GLU F 53 5.35 -27.24 1.91
CA GLU F 53 5.16 -28.20 3.01
C GLU F 53 5.15 -29.61 2.42
N LEU F 54 6.17 -30.40 2.74
CA LEU F 54 6.30 -31.74 2.18
C LEU F 54 7.02 -32.63 3.19
N ALA F 55 7.35 -33.84 2.75
CA ALA F 55 8.10 -34.82 3.55
C ALA F 55 7.30 -35.20 4.82
N GLY F 56 6.21 -35.91 4.58
CA GLY F 56 5.33 -36.41 5.63
C GLY F 56 4.00 -36.84 5.07
N LEU F 57 4.02 -37.49 3.91
CA LEU F 57 2.81 -37.82 3.16
C LEU F 57 3.16 -38.75 2.00
N GLY F 58 2.42 -39.85 1.85
CA GLY F 58 2.77 -40.88 0.90
C GLY F 58 2.18 -40.69 -0.49
N PHE F 59 0.97 -41.20 -0.70
CA PHE F 59 0.19 -40.91 -1.90
C PHE F 59 -1.08 -40.13 -1.60
N ALA F 60 -1.60 -40.25 -0.38
CA ALA F 60 -2.87 -39.63 0.02
C ALA F 60 -2.95 -38.17 -0.43
N GLU F 61 -1.94 -37.38 -0.05
CA GLU F 61 -1.86 -36.00 -0.50
C GLU F 61 -0.85 -35.79 -1.62
N LEU F 62 0.25 -36.55 -1.63
CA LEU F 62 1.32 -36.30 -2.58
C LEU F 62 0.86 -36.43 -4.02
N GLN F 63 -0.04 -37.38 -4.32
CA GLN F 63 -0.63 -37.48 -5.64
C GLN F 63 -1.88 -36.63 -5.79
N ASP F 64 -2.45 -36.16 -4.68
CA ASP F 64 -3.59 -35.25 -4.71
C ASP F 64 -3.17 -33.79 -4.63
N LEU F 65 -2.01 -33.51 -4.03
CA LEU F 65 -1.46 -32.15 -4.06
C LEU F 65 -1.00 -31.77 -5.46
N ALA F 66 -0.36 -32.71 -6.16
CA ALA F 66 0.09 -32.44 -7.53
C ALA F 66 -1.09 -32.11 -8.44
N ARG F 67 -2.26 -32.69 -8.17
CA ARG F 67 -3.45 -32.34 -8.93
C ARG F 67 -3.95 -30.94 -8.57
N GLN F 68 -3.68 -30.49 -7.34
CA GLN F 68 -4.03 -29.11 -6.97
C GLN F 68 -3.08 -28.12 -7.64
N LEU F 69 -1.77 -28.36 -7.52
CA LEU F 69 -0.78 -27.45 -8.08
C LEU F 69 -0.94 -27.34 -9.59
N HIS F 70 -1.10 -28.48 -10.26
CA HIS F 70 -1.25 -28.47 -11.72
C HIS F 70 -2.45 -27.66 -12.15
N ALA F 71 -3.54 -27.70 -11.37
CA ALA F 71 -4.73 -26.93 -11.70
C ALA F 71 -4.56 -25.46 -11.36
N ARG F 72 -3.78 -25.14 -10.32
CA ARG F 72 -3.52 -23.75 -10.00
C ARG F 72 -2.65 -23.08 -11.06
N VAL F 73 -1.74 -23.85 -11.68
CA VAL F 73 -0.93 -23.30 -12.76
C VAL F 73 -1.81 -22.86 -13.92
N ASP F 74 -2.79 -23.70 -14.28
CA ASP F 74 -3.71 -23.36 -15.35
C ASP F 74 -4.54 -22.12 -15.00
N LYS F 75 -4.75 -21.87 -13.72
CA LYS F 75 -5.56 -20.73 -13.29
C LYS F 75 -4.73 -19.46 -13.24
N VAL F 76 -3.52 -19.54 -12.67
CA VAL F 76 -2.67 -18.35 -12.58
C VAL F 76 -2.27 -17.88 -13.97
N ASP F 77 -2.11 -18.81 -14.92
CA ASP F 77 -1.70 -18.42 -16.26
C ASP F 77 -2.83 -17.70 -17.01
N GLU F 78 -4.09 -18.03 -16.72
CA GLU F 78 -5.18 -17.28 -17.33
C GLU F 78 -5.36 -15.91 -16.66
N GLU F 79 -5.10 -15.82 -15.36
CA GLU F 79 -5.14 -14.53 -14.69
C GLU F 79 -4.04 -13.61 -15.20
N ARG F 80 -2.83 -14.15 -15.34
CA ARG F 80 -1.72 -13.36 -15.87
C ARG F 80 -1.95 -12.96 -17.32
N TYR F 81 -2.63 -13.80 -18.10
CA TYR F 81 -2.89 -13.43 -19.48
C TYR F 81 -3.86 -12.26 -19.56
N ASP F 82 -4.90 -12.27 -18.73
CA ASP F 82 -5.94 -11.25 -18.86
C ASP F 82 -5.45 -9.86 -18.47
N ILE F 83 -4.52 -9.77 -17.51
CA ILE F 83 -3.89 -8.49 -17.23
C ILE F 83 -2.91 -8.14 -18.34
N GLU F 84 -2.21 -9.13 -18.89
CA GLU F 84 -1.37 -8.89 -20.06
C GLU F 84 -2.20 -8.38 -21.23
N ALA F 85 -3.45 -8.85 -21.36
CA ALA F 85 -4.33 -8.34 -22.41
C ALA F 85 -4.60 -6.86 -22.20
N LYS F 86 -4.98 -6.47 -20.98
CA LYS F 86 -5.20 -5.06 -20.68
C LYS F 86 -3.94 -4.23 -20.95
N VAL F 87 -2.77 -4.80 -20.66
CA VAL F 87 -1.52 -4.08 -20.87
C VAL F 87 -1.24 -3.92 -22.36
N THR F 88 -1.57 -4.94 -23.16
CA THR F 88 -1.36 -4.85 -24.60
C THR F 88 -2.23 -3.76 -25.22
N LYS F 89 -3.51 -3.69 -24.81
CA LYS F 89 -4.40 -2.65 -25.32
C LYS F 89 -3.96 -1.25 -24.92
N ASN F 90 -3.14 -1.12 -23.88
CA ASN F 90 -2.73 0.22 -23.44
C ASN F 90 -1.59 0.77 -24.27
N ILE F 91 -0.64 -0.06 -24.68
CA ILE F 91 0.47 0.43 -25.49
C ILE F 91 0.10 0.66 -26.95
N THR F 92 -0.95 0.00 -27.45
CA THR F 92 -1.44 0.36 -28.78
C THR F 92 -2.17 1.68 -28.77
N GLU F 93 -2.75 2.08 -27.64
CA GLU F 93 -3.36 3.40 -27.51
C GLU F 93 -2.35 4.46 -27.08
N ILE F 94 -1.34 4.08 -26.30
CA ILE F 94 -0.23 4.99 -26.04
C ILE F 94 0.45 5.36 -27.35
N ALA F 95 0.59 4.39 -28.26
CA ALA F 95 1.12 4.68 -29.58
C ALA F 95 0.14 5.48 -30.43
N ASP F 96 -1.15 5.36 -30.14
CA ASP F 96 -2.16 6.14 -30.87
C ASP F 96 -2.10 7.61 -30.46
N LEU F 97 -2.07 7.89 -29.16
CA LEU F 97 -2.05 9.27 -28.69
C LEU F 97 -0.72 9.94 -29.00
N THR F 98 0.36 9.18 -28.92
CA THR F 98 1.70 9.70 -29.19
C THR F 98 1.78 10.31 -30.59
N GLN F 99 1.15 9.66 -31.55
CA GLN F 99 1.15 10.14 -32.92
C GLN F 99 0.10 11.21 -33.19
N LYS F 100 -0.87 11.37 -32.29
CA LYS F 100 -1.80 12.49 -32.42
C LYS F 100 -1.15 13.79 -31.99
N ILE F 101 -0.48 13.78 -30.83
CA ILE F 101 0.18 15.00 -30.34
C ILE F 101 1.39 15.34 -31.20
N PHE F 102 1.99 14.34 -31.86
CA PHE F 102 3.06 14.63 -32.80
C PHE F 102 2.55 15.47 -33.96
N ASP F 103 1.36 15.15 -34.47
CA ASP F 103 0.78 15.90 -35.58
C ASP F 103 0.13 17.20 -35.13
N LEU F 104 -0.21 17.31 -33.83
CA LEU F 104 -0.75 18.58 -33.33
C LEU F 104 0.34 19.60 -33.05
N ARG F 105 1.55 19.14 -32.72
CA ARG F 105 2.69 20.04 -32.53
C ARG F 105 3.46 20.20 -33.83
N GLY F 106 2.77 20.71 -34.83
CA GLY F 106 3.37 20.92 -36.15
C GLY F 106 2.34 21.15 -37.24
N ASP F 121 36.32 24.76 -35.04
CA ASP F 121 37.69 25.22 -34.83
C ASP F 121 38.61 24.77 -35.98
N ALA F 122 38.00 24.35 -37.09
CA ALA F 122 38.75 24.23 -38.34
C ALA F 122 39.05 25.59 -38.94
N MET F 123 38.52 26.66 -38.34
CA MET F 123 38.78 28.03 -38.75
C MET F 123 39.88 28.70 -37.95
N MET F 124 40.18 28.20 -36.74
CA MET F 124 41.23 28.80 -35.92
C MET F 124 42.61 28.55 -36.54
N GLN F 125 42.91 27.30 -36.90
CA GLN F 125 44.19 26.99 -37.54
C GLN F 125 44.39 27.83 -38.80
N ALA F 126 43.30 28.14 -39.50
CA ALA F 126 43.37 28.89 -40.74
C ALA F 126 43.76 30.36 -40.52
N LEU F 127 42.86 31.14 -39.92
CA LEU F 127 43.03 32.57 -39.82
C LEU F 127 44.22 32.98 -38.96
N LEU F 128 44.76 32.08 -38.15
CA LEU F 128 45.89 32.40 -37.28
C LEU F 128 47.03 31.41 -37.46
CA CA G . -38.62 -36.29 30.25
CA CA H . -18.96 -9.10 2.54
CA CA I . -28.51 -11.91 7.50
CA CA J . 23.39 41.63 -33.97
CA CA K . 1.83 18.12 -9.98
CA CA L . 3.07 25.79 -18.68
#